data_8YRG
#
_entry.id   8YRG
#
_cell.length_a   1.00
_cell.length_b   1.00
_cell.length_c   1.00
_cell.angle_alpha   90.00
_cell.angle_beta   90.00
_cell.angle_gamma   90.00
#
_symmetry.space_group_name_H-M   'P 1'
#
loop_
_entity.id
_entity.type
_entity.pdbx_description
1 polymer 'Gs-mini-Gq chimera'
2 polymer 'Guanine nucleotide-binding protein G(I)/G(S)/G(T) subunit beta-1'
3 polymer 'Guanine nucleotide-binding protein G(I)/G(S)/G(O) subunit gamma-2'
4 polymer scFv16
5 polymer 'Soluble cytochrome b562,Mas-related G-protein coupled receptor member X4'
6 non-polymer '[2,6-di(propan-2-yl)phenoxy]methyl dihydrogen phosphate'
#
loop_
_entity_poly.entity_id
_entity_poly.type
_entity_poly.pdbx_seq_one_letter_code
_entity_poly.pdbx_strand_id
1 'polypeptide(L)'
;MGSTVSAEDKAAAERSKMIDKNLREDGEKARRTLRLLLLGADNSGKSTIVKQMRILHGGSGGSGGTSGIFETKFQVDKVN
FHMFDVGGQRDERRKWIQCFNDVTAIIFVVDSSDYNRLQEALNDFKSIWNNRWLRTISVILFLNKQDLLAEKVLAGKSKI
EDYFPEFARYTTPEDATPEPGEDPRVTRAKYFIRKEFVDISTASGDGRHICYPHFTCAVDTENARRIFNDCKDIILQMNL
REYNLV
;
B
2 'polypeptide(L)'
;MHHHHHHLEVLFQGPGSSGSELDQLRQEAEQLKNQIRDARKACADATLSQITNNIDPVGRIQMRTRRTLRGHLAKIYAMH
WGTDSRLLVSASQDGKLIIWDSYTTNKVHAIPLRSSWVMTCAYAPSGNYVACGGLDNICSIYNLKTREGNVRVSRELAGH
TGYLSCCRFLDDNQIVTSSGDTTCALWDIETGQQTTTFTGHTGDVMSLSLAPDTRLFVSGACDASAKLWDVREGMCRQTF
TGHESDINAICFFPNGNAFATGSDDATCRLFDLRADQELMTYSHDNIICGITSVSFSKSGRLLLAGYDDFNCNVWDALKA
DRAGVLAGHDNRVSCLGVTDDGMAVATGSWDSFLKIWN
;
C
3 'polypeptide(L)' MASNNTASIAQARKLVEQLKMEANIDRIKVSKAAADLMAYCEAHAKEDPLLTPVPASENPFREKKFFCAIL D
4 'polypeptide(L)'
;DVQLVESGGGLVQPGGSRKLSCSASGFAFSSFGMHWVRQAPEKGLEWVAYISSGSGTIYYADTVKGRFTISRDDPKNTLF
LQMTSLRSEDTAMYYCVRSIYYYGSSPFDFWGQGTTLTVSSGGGGSGGGGSGGGGSDIVMTQATSSVPVTPGESVSISCR
SSKSLLHSNGNTYLYWFLQRPGQSPQLLIYRMSNLASGVPDRFSGSGSGTAFTLTISRLEAEDVGVYYCMQHLEYPLTFG
AGTKLELKAAALEVLFQGPHHHHHHHH
;
E
5 'polypeptide(L)'
;DYKDDDDAKLQTMHHHHHHHHHHENLYFQGGTTMADLEDNWETLNDNLKVIEKADNAAQVKDALTKMRAAALDAQKATPP
KLEDKSPDSPEMKDFRHGFDILVGQIDDALKLANEGKVKEAQAAAEQLKTTRNAYIQKYLGSTLEVLFQGPDPTVPVFGT
KLTPINGREETPCYNQTLSFTVLTCIISLVGLTGNAVVLWLLGYRMRRNAVSIYILNLAAADFLFLSFQIIRSPLRLINI
SHLIRKILVSVMTFPYFTGLSMLSAISTERCLSVLWPIWYRCRRPTHLSAVVCVLLWGLSLLFSMLEWRFCDFLFSGADS
SWCETSDFIPVAWLIFLCVVLCVSSLVLLVRILCGSRKMPLTRLYVTILLTVLVFLLCGLPFGILGALIYRMHLNLEVLY
CHVYLVCMSLSSLNSSANPIIYFFVGSFRQRQNRQNLKLVLQRALQDKPEVDKGEGQLPEESLELSGSRLGP
;
R
#
# COMPACT_ATOMS: atom_id res chain seq x y z
N THR A 4 3.22 30.03 -4.11
CA THR A 4 2.50 29.06 -4.93
C THR A 4 3.39 27.87 -5.25
N VAL A 5 3.14 27.23 -6.39
CA VAL A 5 3.89 26.06 -6.84
C VAL A 5 4.45 26.36 -8.23
N SER A 6 5.71 25.97 -8.44
CA SER A 6 6.36 26.21 -9.71
C SER A 6 5.73 25.35 -10.81
N ALA A 7 6.12 25.63 -12.05
CA ALA A 7 5.59 24.86 -13.18
C ALA A 7 6.01 23.40 -13.08
N GLU A 8 7.25 23.15 -12.68
CA GLU A 8 7.71 21.77 -12.56
C GLU A 8 6.97 21.02 -11.46
N ASP A 9 6.61 21.70 -10.38
CA ASP A 9 5.81 21.05 -9.34
C ASP A 9 4.43 20.65 -9.86
N LYS A 10 3.81 21.51 -10.66
CA LYS A 10 2.52 21.17 -11.24
C LYS A 10 2.63 19.98 -12.17
N ALA A 11 3.67 19.94 -13.01
CA ALA A 11 3.84 18.81 -13.90
C ALA A 11 4.11 17.52 -13.12
N ALA A 12 4.84 17.63 -12.02
CA ALA A 12 5.04 16.47 -11.15
C ALA A 12 3.72 16.00 -10.56
N ALA A 13 2.85 16.94 -10.18
CA ALA A 13 1.54 16.57 -9.68
C ALA A 13 0.73 15.82 -10.73
N GLU A 14 0.78 16.29 -11.97
CA GLU A 14 0.03 15.61 -13.02
C GLU A 14 0.58 14.22 -13.31
N ARG A 15 1.90 14.05 -13.24
CA ARG A 15 2.48 12.71 -13.38
C ARG A 15 2.00 11.81 -12.26
N SER A 16 1.94 12.33 -11.04
CA SER A 16 1.43 11.55 -9.92
C SER A 16 -0.01 11.14 -10.15
N LYS A 17 -0.81 12.03 -10.73
CA LYS A 17 -2.20 11.69 -10.98
C LYS A 17 -2.35 10.63 -12.07
N MET A 18 -1.50 10.68 -13.10
CA MET A 18 -1.53 9.62 -14.11
C MET A 18 -1.16 8.28 -13.50
N ILE A 19 -0.14 8.26 -12.64
CA ILE A 19 0.23 7.03 -11.96
C ILE A 19 -0.92 6.54 -11.07
N ASP A 20 -1.56 7.46 -10.36
CA ASP A 20 -2.70 7.12 -9.51
C ASP A 20 -3.81 6.46 -10.32
N LYS A 21 -4.14 7.04 -11.47
CA LYS A 21 -5.17 6.47 -12.31
C LYS A 21 -4.80 5.04 -12.72
N ASN A 22 -3.59 4.86 -13.26
CA ASN A 22 -3.18 3.53 -13.72
C ASN A 22 -3.23 2.52 -12.58
N LEU A 23 -2.82 2.92 -11.38
CA LEU A 23 -2.93 2.05 -10.22
C LEU A 23 -4.38 1.67 -9.95
N ARG A 24 -5.31 2.62 -10.09
CA ARG A 24 -6.71 2.31 -9.86
C ARG A 24 -7.24 1.30 -10.88
N GLU A 25 -6.89 1.45 -12.16
CA GLU A 25 -7.36 0.43 -13.11
C GLU A 25 -6.73 -0.91 -12.82
N ASP A 26 -5.46 -0.95 -12.42
CA ASP A 26 -4.86 -2.23 -12.07
C ASP A 26 -5.57 -2.87 -10.88
N GLY A 27 -5.99 -2.05 -9.92
CA GLY A 27 -6.75 -2.60 -8.80
C GLY A 27 -8.12 -3.10 -9.20
N GLU A 28 -8.83 -2.35 -10.04
CA GLU A 28 -10.12 -2.79 -10.54
C GLU A 28 -10.00 -4.00 -11.44
N LYS A 29 -8.80 -4.30 -11.95
CA LYS A 29 -8.61 -5.52 -12.70
C LYS A 29 -8.30 -6.70 -11.79
N ALA A 30 -7.39 -6.51 -10.84
CA ALA A 30 -6.97 -7.61 -9.99
C ALA A 30 -8.01 -7.97 -8.93
N ARG A 31 -8.95 -7.07 -8.65
CA ARG A 31 -9.97 -7.37 -7.63
C ARG A 31 -10.86 -8.53 -8.06
N ARG A 32 -11.06 -8.72 -9.37
CA ARG A 32 -11.98 -9.74 -9.84
C ARG A 32 -11.28 -11.06 -10.18
N THR A 33 -10.20 -11.40 -9.48
CA THR A 33 -9.59 -12.72 -9.58
C THR A 33 -9.52 -13.34 -8.20
N LEU A 34 -10.18 -14.48 -8.02
CA LEU A 34 -10.04 -15.22 -6.78
C LEU A 34 -8.67 -15.86 -6.72
N ARG A 35 -8.19 -16.08 -5.50
CA ARG A 35 -6.77 -16.30 -5.26
C ARG A 35 -6.62 -17.42 -4.25
N LEU A 36 -6.09 -18.55 -4.70
CA LEU A 36 -6.16 -19.82 -3.97
C LEU A 36 -4.76 -20.37 -3.73
N LEU A 37 -4.53 -20.91 -2.53
CA LEU A 37 -3.25 -21.49 -2.17
C LEU A 37 -3.38 -22.99 -2.07
N LEU A 38 -2.52 -23.71 -2.77
CA LEU A 38 -2.55 -25.16 -2.85
C LEU A 38 -1.42 -25.74 -2.03
N LEU A 39 -1.76 -26.57 -1.05
CA LEU A 39 -0.77 -27.26 -0.23
C LEU A 39 -1.00 -28.76 -0.35
N GLY A 40 -0.26 -29.51 0.45
CA GLY A 40 -0.24 -30.96 0.32
C GLY A 40 1.19 -31.39 0.09
N ALA A 41 1.70 -32.30 0.90
CA ALA A 41 3.15 -32.48 0.97
C ALA A 41 3.71 -33.10 -0.29
N ASP A 42 3.31 -34.33 -0.58
CA ASP A 42 3.90 -35.14 -1.64
C ASP A 42 3.13 -36.47 -1.62
N ASN A 43 3.46 -37.33 -2.58
CA ASN A 43 2.73 -38.57 -2.84
C ASN A 43 1.23 -38.37 -2.66
N SER A 44 0.72 -37.24 -3.15
CA SER A 44 -0.66 -36.84 -2.91
C SER A 44 -1.37 -36.49 -4.22
N GLY A 45 -0.64 -35.97 -5.19
CA GLY A 45 -1.21 -35.71 -6.49
C GLY A 45 -1.58 -34.27 -6.76
N LYS A 46 -0.69 -33.35 -6.37
CA LYS A 46 -0.96 -31.93 -6.58
C LYS A 46 -1.10 -31.60 -8.05
N SER A 47 -0.31 -32.25 -8.91
CA SER A 47 -0.28 -31.88 -10.32
C SER A 47 -1.63 -32.10 -10.99
N THR A 48 -2.31 -33.20 -10.67
CA THR A 48 -3.54 -33.59 -11.33
C THR A 48 -4.79 -33.22 -10.53
N ILE A 49 -4.78 -32.08 -9.86
CA ILE A 49 -5.98 -31.61 -9.17
C ILE A 49 -6.94 -30.96 -10.14
N VAL A 50 -6.51 -29.86 -10.78
CA VAL A 50 -7.31 -29.16 -11.77
C VAL A 50 -6.61 -29.32 -13.12
N LYS A 51 -7.29 -29.96 -14.05
CA LYS A 51 -6.73 -30.28 -15.35
C LYS A 51 -6.33 -29.01 -16.11
N GLY A 68 10.56 -21.54 -7.40
CA GLY A 68 9.67 -20.50 -6.91
C GLY A 68 8.22 -20.91 -6.98
N ILE A 69 7.31 -19.95 -6.77
CA ILE A 69 5.89 -20.24 -6.85
C ILE A 69 5.53 -20.63 -8.28
N PHE A 70 4.80 -21.73 -8.42
CA PHE A 70 4.13 -22.07 -9.67
C PHE A 70 2.69 -21.60 -9.57
N GLU A 71 2.22 -20.92 -10.61
CA GLU A 71 0.89 -20.31 -10.61
C GLU A 71 0.08 -20.83 -11.79
N THR A 72 -0.96 -21.59 -11.50
CA THR A 72 -1.86 -22.12 -12.51
C THR A 72 -3.16 -21.33 -12.46
N LYS A 73 -3.60 -20.86 -13.62
CA LYS A 73 -4.78 -20.05 -13.73
C LYS A 73 -5.85 -20.80 -14.52
N PHE A 74 -7.06 -20.85 -13.99
CA PHE A 74 -8.18 -21.45 -14.69
C PHE A 74 -9.43 -20.61 -14.47
N GLN A 75 -10.36 -20.72 -15.41
CA GLN A 75 -11.59 -19.93 -15.40
C GLN A 75 -12.77 -20.86 -15.52
N VAL A 76 -13.70 -20.77 -14.56
CA VAL A 76 -14.97 -21.47 -14.64
C VAL A 76 -16.07 -20.48 -14.29
N ASP A 77 -17.15 -20.51 -15.06
CA ASP A 77 -18.29 -19.62 -14.87
C ASP A 77 -17.86 -18.15 -14.88
N LYS A 78 -16.95 -17.81 -15.79
CA LYS A 78 -16.54 -16.45 -16.08
C LYS A 78 -15.82 -15.76 -14.93
N VAL A 79 -15.32 -16.51 -13.95
CA VAL A 79 -14.50 -15.97 -12.88
C VAL A 79 -13.16 -16.67 -12.90
N ASN A 80 -12.09 -15.90 -12.71
CA ASN A 80 -10.75 -16.43 -12.83
C ASN A 80 -10.20 -16.85 -11.47
N PHE A 81 -9.34 -17.86 -11.48
CA PHE A 81 -8.72 -18.38 -10.28
C PHE A 81 -7.21 -18.45 -10.50
N HIS A 82 -6.45 -18.07 -9.48
CA HIS A 82 -5.01 -18.27 -9.46
C HIS A 82 -4.69 -19.24 -8.34
N MET A 83 -4.02 -20.33 -8.66
CA MET A 83 -3.83 -21.45 -7.75
C MET A 83 -2.34 -21.68 -7.57
N PHE A 84 -1.76 -21.04 -6.55
CA PHE A 84 -0.33 -21.11 -6.31
C PHE A 84 0.03 -22.34 -5.50
N ASP A 85 1.24 -22.83 -5.72
CA ASP A 85 1.81 -23.90 -4.91
C ASP A 85 3.30 -23.67 -4.78
N VAL A 86 3.79 -23.53 -3.56
CA VAL A 86 5.18 -23.16 -3.31
C VAL A 86 5.98 -24.44 -3.13
N GLY A 87 7.00 -24.61 -3.96
CA GLY A 87 7.85 -25.79 -3.89
C GLY A 87 9.18 -25.51 -3.23
N ARG A 93 6.29 -24.55 5.01
CA ARG A 93 5.16 -23.66 5.27
C ARG A 93 5.34 -22.94 6.61
N ARG A 94 6.59 -22.69 6.97
CA ARG A 94 6.87 -22.20 8.32
C ARG A 94 6.62 -20.70 8.44
N LYS A 95 7.35 -19.89 7.68
CA LYS A 95 7.40 -18.46 7.95
C LYS A 95 6.89 -17.60 6.81
N TRP A 96 6.80 -18.13 5.59
CA TRP A 96 6.22 -17.38 4.49
C TRP A 96 4.71 -17.54 4.41
N ILE A 97 4.10 -18.26 5.35
CA ILE A 97 2.67 -18.45 5.32
C ILE A 97 1.90 -17.19 5.65
N GLN A 98 2.57 -16.17 6.19
CA GLN A 98 1.91 -14.90 6.45
C GLN A 98 1.68 -14.10 5.19
N CYS A 99 2.43 -14.38 4.12
CA CYS A 99 2.18 -13.70 2.86
C CYS A 99 0.80 -14.02 2.31
N PHE A 100 0.37 -15.27 2.46
CA PHE A 100 -0.95 -15.71 2.00
C PHE A 100 -2.01 -15.55 3.07
N ASN A 101 -2.11 -14.35 3.63
CA ASN A 101 -3.12 -14.05 4.63
C ASN A 101 -4.41 -13.54 4.02
N ASP A 102 -4.37 -13.03 2.80
CA ASP A 102 -5.55 -12.46 2.16
C ASP A 102 -6.16 -13.38 1.12
N VAL A 103 -5.67 -14.61 0.98
CA VAL A 103 -6.23 -15.51 0.00
C VAL A 103 -7.67 -15.86 0.36
N THR A 104 -8.41 -16.32 -0.65
CA THR A 104 -9.79 -16.72 -0.43
C THR A 104 -9.87 -18.06 0.28
N ALA A 105 -9.04 -19.03 -0.12
CA ALA A 105 -9.14 -20.36 0.44
C ALA A 105 -7.84 -21.12 0.18
N ILE A 106 -7.58 -22.10 1.05
CA ILE A 106 -6.42 -22.98 0.92
C ILE A 106 -6.91 -24.36 0.54
N ILE A 107 -6.37 -24.89 -0.55
CA ILE A 107 -6.69 -26.23 -1.01
C ILE A 107 -5.67 -27.17 -0.37
N PHE A 108 -6.18 -28.17 0.34
CA PHE A 108 -5.34 -29.14 1.02
C PHE A 108 -5.54 -30.51 0.37
N VAL A 109 -4.46 -31.14 -0.06
CA VAL A 109 -4.52 -32.42 -0.74
C VAL A 109 -3.88 -33.47 0.16
N VAL A 110 -4.66 -34.48 0.53
CA VAL A 110 -4.21 -35.58 1.36
C VAL A 110 -4.50 -36.89 0.62
N ASP A 111 -3.51 -37.77 0.56
CA ASP A 111 -3.64 -39.05 -0.11
C ASP A 111 -4.21 -40.04 0.90
N SER A 112 -5.44 -40.49 0.66
CA SER A 112 -6.09 -41.42 1.57
C SER A 112 -5.61 -42.85 1.39
N SER A 113 -4.99 -43.17 0.26
CA SER A 113 -4.62 -44.56 -0.02
C SER A 113 -3.56 -45.07 0.96
N ASP A 114 -2.47 -44.33 1.13
CA ASP A 114 -1.43 -44.73 2.07
C ASP A 114 -1.86 -44.43 3.49
N TYR A 115 -1.50 -45.32 4.43
CA TYR A 115 -1.95 -45.21 5.80
C TYR A 115 -0.86 -44.85 6.80
N ASN A 116 0.41 -45.04 6.45
CA ASN A 116 1.48 -44.65 7.35
C ASN A 116 1.85 -43.18 7.21
N ARG A 117 1.34 -42.51 6.17
CA ARG A 117 1.58 -41.09 5.98
C ARG A 117 0.38 -40.23 6.37
N LEU A 118 -0.76 -40.86 6.65
CA LEU A 118 -1.95 -40.11 7.01
C LEU A 118 -1.75 -39.35 8.31
N GLN A 119 -0.98 -39.89 9.24
CA GLN A 119 -0.77 -39.19 10.51
C GLN A 119 0.09 -37.95 10.31
N GLU A 120 1.10 -38.02 9.44
CA GLU A 120 1.84 -36.82 9.07
C GLU A 120 0.93 -35.81 8.39
N ALA A 121 0.02 -36.29 7.55
CA ALA A 121 -0.94 -35.40 6.90
C ALA A 121 -1.83 -34.72 7.93
N LEU A 122 -2.32 -35.46 8.92
CA LEU A 122 -3.14 -34.86 9.97
C LEU A 122 -2.35 -33.82 10.77
N ASN A 123 -1.09 -34.11 11.07
CA ASN A 123 -0.29 -33.15 11.82
C ASN A 123 -0.04 -31.89 11.02
N ASP A 124 0.23 -32.02 9.73
CA ASP A 124 0.41 -30.86 8.87
C ASP A 124 -0.88 -30.04 8.79
N PHE A 125 -2.02 -30.72 8.66
CA PHE A 125 -3.30 -30.03 8.63
C PHE A 125 -3.54 -29.30 9.94
N LYS A 126 -3.21 -29.93 11.06
CA LYS A 126 -3.43 -29.31 12.36
C LYS A 126 -2.53 -28.11 12.56
N SER A 127 -1.33 -28.15 12.00
CA SER A 127 -0.46 -26.97 12.03
C SER A 127 -1.08 -25.82 11.25
N ILE A 128 -1.53 -26.10 10.02
CA ILE A 128 -2.04 -25.03 9.17
C ILE A 128 -3.37 -24.49 9.69
N TRP A 129 -4.19 -25.34 10.31
CA TRP A 129 -5.48 -24.90 10.83
C TRP A 129 -5.32 -23.92 11.98
N ASN A 130 -4.43 -24.22 12.92
CA ASN A 130 -4.28 -23.41 14.13
C ASN A 130 -3.15 -22.39 14.02
N ASN A 131 -2.93 -21.87 12.82
CA ASN A 131 -1.90 -20.86 12.62
C ASN A 131 -2.46 -19.48 12.88
N ARG A 132 -1.64 -18.61 13.47
CA ARG A 132 -2.12 -17.30 13.90
C ARG A 132 -2.59 -16.46 12.74
N TRP A 133 -1.87 -16.51 11.63
CA TRP A 133 -2.16 -15.65 10.48
C TRP A 133 -3.23 -16.23 9.56
N LEU A 134 -3.62 -17.48 9.75
CA LEU A 134 -4.61 -18.15 8.93
C LEU A 134 -5.92 -18.34 9.67
N ARG A 135 -6.18 -17.51 10.68
CA ARG A 135 -7.33 -17.69 11.56
C ARG A 135 -8.65 -17.29 10.90
N THR A 136 -8.61 -16.71 9.72
CA THR A 136 -9.81 -16.39 8.96
C THR A 136 -9.65 -16.80 7.51
N ILE A 137 -9.12 -18.00 7.27
CA ILE A 137 -8.95 -18.52 5.92
C ILE A 137 -9.49 -19.93 5.90
N SER A 138 -10.48 -20.18 5.05
CA SER A 138 -11.11 -21.49 4.98
C SER A 138 -10.22 -22.46 4.22
N VAL A 139 -10.53 -23.74 4.35
CA VAL A 139 -9.71 -24.79 3.77
C VAL A 139 -10.61 -25.79 3.06
N ILE A 140 -10.57 -25.80 1.73
CA ILE A 140 -11.08 -26.95 0.99
C ILE A 140 -10.14 -28.12 1.21
N LEU A 141 -10.69 -29.27 1.56
CA LEU A 141 -9.89 -30.45 1.80
C LEU A 141 -10.21 -31.50 0.75
N PHE A 142 -9.20 -31.88 -0.02
CA PHE A 142 -9.31 -32.93 -1.03
C PHE A 142 -8.66 -34.19 -0.49
N LEU A 143 -9.33 -35.31 -0.65
CA LEU A 143 -8.80 -36.61 -0.25
C LEU A 143 -8.61 -37.43 -1.53
N ASN A 144 -7.44 -37.31 -2.14
CA ASN A 144 -7.18 -37.93 -3.42
C ASN A 144 -7.12 -39.45 -3.32
N LYS A 145 -7.04 -40.07 -4.49
CA LYS A 145 -6.82 -41.49 -4.66
C LYS A 145 -7.83 -42.30 -3.86
N GLN A 146 -9.09 -42.17 -4.23
CA GLN A 146 -10.12 -43.02 -3.62
C GLN A 146 -10.21 -44.38 -4.30
N ASP A 147 -9.81 -44.47 -5.57
CA ASP A 147 -9.80 -45.77 -6.23
C ASP A 147 -8.79 -46.70 -5.59
N LEU A 148 -7.60 -46.19 -5.28
CA LEU A 148 -6.62 -47.02 -4.58
C LEU A 148 -7.10 -47.39 -3.19
N LEU A 149 -7.86 -46.51 -2.53
CA LEU A 149 -8.46 -46.85 -1.25
C LEU A 149 -9.42 -48.01 -1.39
N ALA A 150 -10.28 -47.97 -2.41
CA ALA A 150 -11.19 -49.08 -2.65
C ALA A 150 -10.42 -50.36 -2.93
N GLU A 151 -9.35 -50.26 -3.71
CA GLU A 151 -8.58 -51.46 -4.04
C GLU A 151 -7.93 -52.06 -2.80
N LYS A 152 -7.27 -51.23 -2.00
CA LYS A 152 -6.59 -51.74 -0.80
C LYS A 152 -7.56 -52.12 0.30
N VAL A 153 -8.81 -51.69 0.22
CA VAL A 153 -9.80 -52.10 1.21
C VAL A 153 -10.50 -53.38 0.82
N LEU A 154 -10.89 -53.52 -0.45
CA LEU A 154 -11.49 -54.76 -0.92
C LEU A 154 -10.46 -55.90 -0.93
N ALA A 155 -9.21 -55.59 -1.29
CA ALA A 155 -8.18 -56.62 -1.36
C ALA A 155 -7.92 -57.25 -0.01
N GLY A 156 -7.83 -56.44 1.04
CA GLY A 156 -7.67 -56.97 2.37
C GLY A 156 -6.26 -57.34 2.78
N LYS A 157 -5.26 -57.02 1.94
CA LYS A 157 -3.88 -57.34 2.29
C LYS A 157 -3.44 -56.57 3.53
N SER A 158 -3.81 -55.31 3.63
CA SER A 158 -3.49 -54.47 4.78
C SER A 158 -4.76 -54.06 5.49
N LYS A 159 -4.60 -53.55 6.70
CA LYS A 159 -5.73 -53.13 7.53
C LYS A 159 -5.48 -51.75 8.07
N ILE A 160 -6.48 -50.87 7.94
CA ILE A 160 -6.38 -49.54 8.52
C ILE A 160 -6.35 -49.64 10.04
N GLU A 161 -7.08 -50.61 10.60
CA GLU A 161 -7.12 -50.78 12.04
C GLU A 161 -5.75 -51.12 12.63
N ASP A 162 -4.82 -51.59 11.79
CA ASP A 162 -3.47 -51.87 12.29
C ASP A 162 -2.72 -50.59 12.61
N TYR A 163 -2.74 -49.62 11.69
CA TYR A 163 -2.13 -48.33 11.98
C TYR A 163 -2.99 -47.49 12.91
N PHE A 164 -4.31 -47.48 12.68
CA PHE A 164 -5.19 -46.60 13.43
C PHE A 164 -5.89 -47.40 14.51
N PRO A 165 -5.64 -47.12 15.78
CA PRO A 165 -6.27 -47.92 16.84
C PRO A 165 -7.79 -47.80 16.87
N GLU A 166 -8.35 -46.66 16.49
CA GLU A 166 -9.74 -46.33 16.79
C GLU A 166 -10.67 -46.55 15.61
N PHE A 167 -10.46 -47.59 14.79
CA PHE A 167 -11.40 -47.89 13.73
C PHE A 167 -12.35 -49.03 14.05
N ALA A 168 -12.14 -49.75 15.15
CA ALA A 168 -13.06 -50.82 15.52
C ALA A 168 -14.41 -50.27 15.94
N ARG A 169 -14.42 -49.26 16.81
CA ARG A 169 -15.67 -48.74 17.34
C ARG A 169 -16.52 -48.06 16.26
N TYR A 170 -15.88 -47.40 15.30
CA TYR A 170 -16.61 -46.59 14.34
C TYR A 170 -17.49 -47.47 13.44
N THR A 171 -18.69 -46.98 13.16
CA THR A 171 -19.61 -47.62 12.23
C THR A 171 -20.18 -46.58 11.29
N THR A 172 -20.56 -47.03 10.10
CA THR A 172 -21.10 -46.11 9.11
C THR A 172 -22.40 -45.52 9.61
N PRO A 173 -22.57 -44.20 9.60
CA PRO A 173 -23.78 -43.60 10.15
C PRO A 173 -24.99 -43.89 9.28
N GLU A 174 -26.16 -43.51 9.80
CA GLU A 174 -27.43 -43.72 9.11
C GLU A 174 -27.63 -42.82 7.90
N ASP A 175 -26.60 -42.05 7.51
CA ASP A 175 -26.70 -41.15 6.37
C ASP A 175 -25.57 -41.41 5.39
N ALA A 176 -25.35 -42.68 5.02
CA ALA A 176 -24.26 -43.06 4.13
C ALA A 176 -24.59 -42.59 2.71
N THR A 177 -24.40 -41.28 2.50
CA THR A 177 -24.72 -40.58 1.26
C THR A 177 -23.98 -41.17 0.07
N PRO A 178 -22.87 -41.88 0.29
CA PRO A 178 -22.12 -42.44 -0.83
C PRO A 178 -22.99 -43.40 -1.65
N GLU A 179 -22.69 -43.46 -2.95
CA GLU A 179 -23.54 -44.18 -3.89
C GLU A 179 -23.53 -45.67 -3.59
N PRO A 180 -24.59 -46.39 -4.00
CA PRO A 180 -24.67 -47.82 -3.69
C PRO A 180 -23.60 -48.67 -4.35
N GLY A 181 -22.92 -48.14 -5.37
CA GLY A 181 -21.91 -48.93 -6.07
C GLY A 181 -20.61 -49.11 -5.30
N GLU A 182 -20.67 -48.93 -3.98
CA GLU A 182 -19.50 -49.07 -3.14
C GLU A 182 -19.81 -50.03 -2.00
N ASP A 183 -18.85 -50.92 -1.71
CA ASP A 183 -19.04 -51.88 -0.64
C ASP A 183 -19.09 -51.15 0.70
N PRO A 184 -19.77 -51.73 1.70
CA PRO A 184 -19.83 -51.10 3.02
C PRO A 184 -18.46 -50.80 3.63
N ARG A 185 -17.49 -51.68 3.46
CA ARG A 185 -16.17 -51.43 4.05
C ARG A 185 -15.50 -50.22 3.42
N VAL A 186 -15.64 -50.07 2.09
CA VAL A 186 -15.05 -48.93 1.40
C VAL A 186 -15.63 -47.63 1.92
N THR A 187 -16.96 -47.55 2.00
CA THR A 187 -17.60 -46.34 2.49
C THR A 187 -17.23 -46.08 3.94
N ARG A 188 -17.18 -47.13 4.76
CA ARG A 188 -16.88 -46.96 6.17
C ARG A 188 -15.48 -46.37 6.36
N ALA A 189 -14.50 -46.92 5.64
CA ALA A 189 -13.14 -46.40 5.74
C ALA A 189 -13.06 -44.98 5.21
N LYS A 190 -13.77 -44.69 4.11
CA LYS A 190 -13.73 -43.34 3.56
C LYS A 190 -14.28 -42.33 4.56
N TYR A 191 -15.40 -42.66 5.20
CA TYR A 191 -15.98 -41.73 6.14
C TYR A 191 -15.15 -41.64 7.42
N PHE A 192 -14.44 -42.70 7.79
CA PHE A 192 -13.53 -42.59 8.93
C PHE A 192 -12.40 -41.61 8.63
N ILE A 193 -11.81 -41.72 7.43
CA ILE A 193 -10.74 -40.80 7.06
C ILE A 193 -11.24 -39.37 7.02
N ARG A 194 -12.46 -39.16 6.54
CA ARG A 194 -13.05 -37.82 6.60
C ARG A 194 -13.20 -37.35 8.05
N LYS A 195 -13.65 -38.24 8.94
CA LYS A 195 -13.87 -37.86 10.32
C LYS A 195 -12.57 -37.46 11.00
N GLU A 196 -11.48 -38.13 10.67
CA GLU A 196 -10.21 -37.84 11.32
C GLU A 196 -9.71 -36.44 11.04
N PHE A 197 -10.20 -35.78 9.99
CA PHE A 197 -9.88 -34.38 9.70
C PHE A 197 -10.97 -33.43 10.16
N VAL A 198 -12.22 -33.83 10.03
CA VAL A 198 -13.32 -32.97 10.44
C VAL A 198 -13.32 -32.78 11.96
N ASP A 199 -12.94 -33.82 12.73
CA ASP A 199 -12.83 -33.63 14.17
C ASP A 199 -11.67 -32.70 14.53
N ILE A 200 -10.62 -32.65 13.71
CA ILE A 200 -9.60 -31.61 13.87
C ILE A 200 -10.21 -30.24 13.64
N SER A 201 -11.00 -30.10 12.58
CA SER A 201 -11.51 -28.79 12.20
C SER A 201 -12.61 -28.32 13.12
N THR A 202 -13.54 -29.21 13.48
CA THR A 202 -14.72 -28.84 14.25
C THR A 202 -14.51 -28.94 15.75
N ALA A 203 -13.28 -28.78 16.21
CA ALA A 203 -12.98 -28.86 17.64
C ALA A 203 -12.81 -27.47 18.26
N SER A 204 -11.85 -26.69 17.76
CA SER A 204 -11.58 -25.36 18.30
C SER A 204 -11.31 -24.43 17.12
N GLY A 205 -12.38 -23.80 16.61
CA GLY A 205 -12.25 -22.86 15.52
C GLY A 205 -13.09 -21.61 15.71
N ASP A 206 -14.02 -21.66 16.66
CA ASP A 206 -14.90 -20.55 17.02
C ASP A 206 -15.74 -20.04 15.85
N GLY A 207 -15.90 -20.84 14.80
CA GLY A 207 -16.76 -20.46 13.71
C GLY A 207 -16.24 -19.39 12.78
N ARG A 208 -14.94 -19.07 12.84
CA ARG A 208 -14.38 -18.06 11.96
C ARG A 208 -14.03 -18.60 10.59
N HIS A 209 -13.76 -19.90 10.48
CA HIS A 209 -13.49 -20.54 9.20
C HIS A 209 -13.83 -22.02 9.31
N ILE A 210 -14.25 -22.60 8.19
CA ILE A 210 -14.68 -23.99 8.17
C ILE A 210 -13.96 -24.74 7.06
N CYS A 211 -14.04 -26.06 7.13
CA CYS A 211 -13.36 -26.97 6.21
C CYS A 211 -14.41 -27.75 5.42
N TYR A 212 -14.31 -27.69 4.10
CA TYR A 212 -15.23 -28.43 3.23
C TYR A 212 -14.51 -29.66 2.70
N PRO A 213 -14.85 -30.86 3.15
CA PRO A 213 -14.19 -32.05 2.61
C PRO A 213 -14.83 -32.53 1.32
N HIS A 214 -14.00 -33.03 0.42
CA HIS A 214 -14.46 -33.69 -0.78
C HIS A 214 -13.58 -34.89 -1.07
N PHE A 215 -14.08 -35.77 -1.93
CA PHE A 215 -13.39 -36.98 -2.33
C PHE A 215 -13.17 -36.93 -3.83
N THR A 216 -12.02 -37.45 -4.29
CA THR A 216 -11.65 -37.35 -5.69
C THR A 216 -11.05 -38.65 -6.17
N CYS A 217 -10.73 -38.70 -7.47
CA CYS A 217 -10.16 -39.89 -8.08
C CYS A 217 -9.04 -39.63 -9.06
N ALA A 218 -8.62 -38.37 -9.24
CA ALA A 218 -7.51 -38.02 -10.13
C ALA A 218 -7.79 -38.34 -11.59
N VAL A 219 -8.98 -38.85 -11.87
CA VAL A 219 -9.43 -39.11 -13.24
C VAL A 219 -10.80 -38.47 -13.41
N ASP A 220 -11.05 -37.39 -12.68
CA ASP A 220 -12.32 -36.69 -12.70
C ASP A 220 -12.12 -35.31 -13.28
N THR A 221 -12.87 -35.00 -14.32
CA THR A 221 -12.74 -33.72 -15.00
C THR A 221 -13.60 -32.62 -14.38
N GLU A 222 -14.63 -32.98 -13.63
CA GLU A 222 -15.52 -32.00 -13.01
C GLU A 222 -15.02 -31.60 -11.62
N ASN A 223 -13.77 -31.14 -11.57
CA ASN A 223 -13.11 -30.90 -10.30
C ASN A 223 -12.90 -29.42 -10.00
N ALA A 224 -13.15 -28.53 -10.96
CA ALA A 224 -13.15 -27.11 -10.69
C ALA A 224 -14.52 -26.60 -10.26
N ARG A 225 -15.59 -27.32 -10.61
CA ARG A 225 -16.91 -26.93 -10.14
C ARG A 225 -16.99 -27.01 -8.62
N ARG A 226 -16.33 -28.00 -8.03
CA ARG A 226 -16.36 -28.13 -6.57
C ARG A 226 -15.65 -26.96 -5.90
N ILE A 227 -14.47 -26.58 -6.41
CA ILE A 227 -13.78 -25.41 -5.89
C ILE A 227 -14.65 -24.18 -6.05
N PHE A 228 -15.31 -24.06 -7.20
CA PHE A 228 -16.15 -22.89 -7.48
C PHE A 228 -17.30 -22.79 -6.50
N ASN A 229 -17.97 -23.91 -6.23
CA ASN A 229 -19.11 -23.89 -5.31
C ASN A 229 -18.67 -23.60 -3.89
N ASP A 230 -17.60 -24.25 -3.43
CA ASP A 230 -17.08 -23.94 -2.10
C ASP A 230 -16.69 -22.48 -2.00
N CYS A 231 -16.10 -21.93 -3.06
CA CYS A 231 -15.72 -20.52 -3.03
C CYS A 231 -16.92 -19.61 -2.98
N LYS A 232 -18.00 -19.96 -3.68
CA LYS A 232 -19.24 -19.21 -3.55
C LYS A 232 -19.70 -19.19 -2.10
N ASP A 233 -19.62 -20.35 -1.43
CA ASP A 233 -19.99 -20.39 -0.02
C ASP A 233 -19.08 -19.49 0.83
N ILE A 234 -17.77 -19.52 0.56
CA ILE A 234 -16.82 -18.73 1.34
C ILE A 234 -17.10 -17.25 1.18
N ILE A 235 -17.32 -16.81 -0.07
CA ILE A 235 -17.59 -15.41 -0.33
C ILE A 235 -18.90 -14.99 0.31
N LEU A 236 -19.93 -15.84 0.23
CA LEU A 236 -21.19 -15.53 0.89
C LEU A 236 -21.00 -15.39 2.40
N GLN A 237 -20.19 -16.26 2.99
CA GLN A 237 -19.94 -16.16 4.42
C GLN A 237 -19.28 -14.84 4.77
N MET A 238 -18.26 -14.43 4.02
CA MET A 238 -17.59 -13.19 4.40
C MET A 238 -18.46 -11.98 4.07
N ASN A 239 -19.37 -12.10 3.11
CA ASN A 239 -20.27 -10.99 2.81
C ASN A 239 -21.33 -10.83 3.90
N LEU A 240 -21.88 -11.93 4.40
CA LEU A 240 -22.84 -11.78 5.48
C LEU A 240 -22.18 -11.68 6.86
N ARG A 241 -20.87 -11.84 6.93
CA ARG A 241 -20.14 -11.53 8.16
C ARG A 241 -19.57 -10.13 8.14
N GLU A 242 -19.47 -9.51 6.97
CA GLU A 242 -19.05 -8.12 6.84
C GLU A 242 -20.23 -7.18 6.95
N TYR A 243 -21.38 -7.55 6.39
CA TYR A 243 -22.57 -6.70 6.46
C TYR A 243 -23.44 -7.07 7.65
N ASN A 244 -22.81 -7.24 8.81
CA ASN A 244 -23.48 -7.33 10.10
C ASN A 244 -24.62 -8.34 10.17
N LEU A 245 -24.72 -9.26 9.19
CA LEU A 245 -25.76 -10.27 9.29
C LEU A 245 -25.52 -11.23 10.43
N VAL A 246 -24.32 -11.20 11.02
CA VAL A 246 -23.96 -12.09 12.11
C VAL A 246 -23.54 -11.28 13.33
N GLU B 21 36.08 -38.86 17.89
CA GLU B 21 34.78 -39.46 17.63
C GLU B 21 33.66 -38.46 17.91
N LEU B 22 32.41 -38.94 17.82
CA LEU B 22 31.27 -38.08 18.12
C LEU B 22 31.24 -37.67 19.58
N ASP B 23 31.51 -38.61 20.49
CA ASP B 23 31.55 -38.28 21.91
C ASP B 23 32.67 -37.29 22.22
N GLN B 24 33.84 -37.49 21.61
CA GLN B 24 34.97 -36.59 21.86
C GLN B 24 34.67 -35.19 21.35
N LEU B 25 34.11 -35.08 20.14
CA LEU B 25 33.75 -33.77 19.60
C LEU B 25 32.66 -33.11 20.45
N ARG B 26 31.69 -33.90 20.90
CA ARG B 26 30.63 -33.34 21.76
C ARG B 26 31.20 -32.81 23.07
N GLN B 27 32.12 -33.57 23.68
CA GLN B 27 32.75 -33.12 24.92
C GLN B 27 33.56 -31.85 24.68
N GLU B 28 34.30 -31.79 23.57
CA GLU B 28 35.07 -30.60 23.27
C GLU B 28 34.18 -29.38 23.07
N ALA B 29 33.07 -29.57 22.35
CA ALA B 29 32.14 -28.46 22.12
C ALA B 29 31.51 -28.00 23.43
N GLU B 30 31.13 -28.94 24.29
CA GLU B 30 30.55 -28.58 25.58
C GLU B 30 31.55 -27.82 26.44
N GLN B 31 32.81 -28.27 26.45
CA GLN B 31 33.84 -27.58 27.22
C GLN B 31 34.06 -26.17 26.68
N LEU B 32 34.09 -26.01 25.36
CA LEU B 32 34.29 -24.68 24.78
C LEU B 32 33.12 -23.77 25.10
N LYS B 33 31.89 -24.29 25.02
CA LYS B 33 30.72 -23.49 25.36
C LYS B 33 30.73 -23.06 26.81
N ASN B 34 31.11 -23.98 27.72
CA ASN B 34 31.20 -23.63 29.13
C ASN B 34 32.29 -22.59 29.36
N GLN B 35 33.41 -22.71 28.66
CA GLN B 35 34.49 -21.73 28.80
C GLN B 35 34.03 -20.34 28.34
N ILE B 36 33.30 -20.28 27.23
CA ILE B 36 32.84 -18.99 26.73
C ILE B 36 31.81 -18.39 27.68
N ARG B 37 30.92 -19.24 28.22
CA ARG B 37 29.95 -18.75 29.20
C ARG B 37 30.66 -18.20 30.43
N ASP B 38 31.69 -18.89 30.91
CA ASP B 38 32.45 -18.39 32.06
C ASP B 38 33.13 -17.07 31.73
N ALA B 39 33.69 -16.94 30.52
CA ALA B 39 34.34 -15.70 30.13
C ALA B 39 33.35 -14.54 30.12
N ARG B 40 32.15 -14.78 29.56
CA ARG B 40 31.14 -13.72 29.56
C ARG B 40 30.71 -13.37 30.97
N LYS B 41 30.54 -14.38 31.83
CA LYS B 41 30.16 -14.11 33.22
C LYS B 41 31.29 -13.44 34.00
N ALA B 42 32.54 -13.70 33.60
CA ALA B 42 33.66 -13.07 34.29
C ALA B 42 33.70 -11.57 34.04
N CYS B 43 33.15 -11.10 32.92
CA CYS B 43 33.12 -9.69 32.59
C CYS B 43 31.82 -9.01 33.01
N ALA B 44 30.90 -9.74 33.66
CA ALA B 44 29.62 -9.17 34.07
C ALA B 44 29.80 -8.50 35.44
N ASP B 45 30.31 -7.28 35.41
CA ASP B 45 30.54 -6.49 36.62
C ASP B 45 29.42 -5.49 36.88
N ALA B 46 29.13 -4.63 35.91
CA ALA B 46 28.08 -3.62 36.03
C ALA B 46 27.22 -3.63 34.78
N THR B 47 25.91 -3.60 34.98
CA THR B 47 24.97 -3.58 33.88
C THR B 47 24.64 -2.15 33.47
N LEU B 48 23.98 -2.01 32.33
CA LEU B 48 23.69 -0.67 31.80
C LEU B 48 22.71 0.07 32.69
N SER B 49 21.79 -0.64 33.34
CA SER B 49 20.86 0.03 34.24
C SER B 49 21.57 0.62 35.44
N GLN B 50 22.53 -0.13 36.01
CA GLN B 50 23.23 0.33 37.20
C GLN B 50 23.91 1.67 36.96
N ILE B 51 24.48 1.87 35.78
CA ILE B 51 25.16 3.13 35.49
C ILE B 51 24.16 4.19 35.06
N THR B 52 23.35 3.87 34.05
CA THR B 52 22.44 4.87 33.50
C THR B 52 21.31 5.25 34.44
N ASN B 53 21.25 4.67 35.65
CA ASN B 53 20.30 5.16 36.64
C ASN B 53 20.47 6.65 36.89
N ASN B 54 21.70 7.15 36.81
CA ASN B 54 21.99 8.57 37.03
C ASN B 54 22.12 9.30 35.69
N ILE B 55 21.03 9.32 34.94
CA ILE B 55 20.90 10.13 33.73
C ILE B 55 19.51 10.74 33.74
N ASP B 56 19.42 11.99 33.28
CA ASP B 56 18.13 12.65 33.22
C ASP B 56 17.24 11.96 32.20
N PRO B 57 16.00 11.62 32.56
CA PRO B 57 15.10 10.98 31.58
C PRO B 57 14.73 11.94 30.46
N VAL B 58 14.43 11.35 29.30
CA VAL B 58 14.02 12.15 28.15
C VAL B 58 12.72 12.89 28.44
N GLY B 59 11.76 12.20 29.05
CA GLY B 59 10.46 12.79 29.32
C GLY B 59 9.36 12.04 28.64
N ARG B 60 8.66 12.71 27.72
CA ARG B 60 7.60 12.10 26.94
C ARG B 60 7.73 12.55 25.50
N ILE B 61 8.09 11.64 24.61
CA ILE B 61 8.23 11.95 23.19
C ILE B 61 6.85 11.80 22.56
N GLN B 62 6.21 12.93 22.26
CA GLN B 62 4.93 12.97 21.58
C GLN B 62 5.17 13.50 20.17
N MET B 63 5.07 12.62 19.18
CA MET B 63 5.17 13.02 17.79
C MET B 63 3.99 12.47 17.01
N ARG B 64 3.45 13.29 16.13
CA ARG B 64 2.19 12.98 15.46
C ARG B 64 2.40 12.81 13.97
N THR B 65 1.36 12.32 13.30
CA THR B 65 1.41 12.11 11.87
C THR B 65 1.55 13.43 11.13
N ARG B 66 2.32 13.40 10.04
CA ARG B 66 2.55 14.58 9.21
C ARG B 66 2.30 14.34 7.74
N ARG B 67 2.23 13.10 7.29
CA ARG B 67 1.96 12.76 5.90
C ARG B 67 1.41 11.35 5.87
N THR B 68 0.39 11.13 5.05
CA THR B 68 -0.20 9.81 4.87
C THR B 68 -0.13 9.47 3.39
N LEU B 69 0.82 8.60 3.04
CA LEU B 69 1.11 8.29 1.64
C LEU B 69 0.26 7.10 1.24
N ARG B 70 -0.79 7.38 0.46
CA ARG B 70 -1.74 6.35 0.07
C ARG B 70 -1.68 6.12 -1.44
N GLY B 71 -2.16 4.96 -1.85
CA GLY B 71 -2.09 4.57 -3.25
C GLY B 71 -1.84 3.09 -3.41
N HIS B 72 -1.35 2.44 -2.36
CA HIS B 72 -1.18 1.01 -2.39
C HIS B 72 -2.50 0.32 -2.09
N LEU B 73 -2.79 -0.73 -2.84
CA LEU B 73 -4.05 -1.45 -2.70
C LEU B 73 -3.90 -2.79 -1.98
N ALA B 74 -2.75 -3.06 -1.39
CA ALA B 74 -2.50 -4.32 -0.72
C ALA B 74 -1.55 -4.08 0.44
N LYS B 75 -1.27 -5.14 1.18
CA LYS B 75 -0.37 -5.06 2.32
C LYS B 75 0.99 -4.53 1.90
N ILE B 76 1.52 -3.62 2.70
CA ILE B 76 2.87 -3.10 2.48
C ILE B 76 3.83 -3.93 3.31
N TYR B 77 4.79 -4.58 2.65
CA TYR B 77 5.71 -5.45 3.35
C TYR B 77 7.05 -4.79 3.69
N ALA B 78 7.62 -4.01 2.79
CA ALA B 78 8.87 -3.34 3.07
C ALA B 78 8.81 -1.90 2.61
N MET B 79 9.61 -1.05 3.26
CA MET B 79 9.89 0.28 2.78
C MET B 79 11.33 0.60 3.08
N HIS B 80 11.89 1.54 2.34
CA HIS B 80 13.27 1.95 2.52
C HIS B 80 13.36 3.45 2.27
N TRP B 81 14.42 4.06 2.76
CA TRP B 81 14.65 5.49 2.63
C TRP B 81 15.88 5.71 1.78
N GLY B 82 15.81 6.68 0.88
CA GLY B 82 16.99 7.06 0.13
C GLY B 82 17.96 7.83 1.01
N THR B 83 19.23 7.83 0.58
CA THR B 83 20.26 8.55 1.33
C THR B 83 19.95 10.03 1.41
N ASP B 84 19.31 10.58 0.38
CA ASP B 84 18.93 11.99 0.38
C ASP B 84 17.85 12.31 1.39
N SER B 85 17.20 11.28 1.95
CA SER B 85 16.18 11.44 2.99
C SER B 85 14.95 12.18 2.47
N ARG B 86 14.70 12.13 1.16
CA ARG B 86 13.46 12.63 0.60
C ARG B 86 12.67 11.60 -0.18
N LEU B 87 13.31 10.60 -0.75
CA LEU B 87 12.64 9.58 -1.54
C LEU B 87 12.59 8.29 -0.75
N LEU B 88 11.49 7.55 -0.91
CA LEU B 88 11.35 6.27 -0.24
C LEU B 88 10.68 5.28 -1.17
N VAL B 89 11.22 4.08 -1.21
CA VAL B 89 10.66 3.00 -2.01
C VAL B 89 9.75 2.15 -1.14
N SER B 90 8.67 1.64 -1.72
CA SER B 90 7.73 0.79 -1.02
C SER B 90 7.27 -0.32 -1.95
N ALA B 91 7.22 -1.54 -1.43
CA ALA B 91 6.73 -2.68 -2.20
C ALA B 91 5.54 -3.29 -1.47
N SER B 92 4.49 -3.60 -2.22
CA SER B 92 3.28 -4.17 -1.68
C SER B 92 3.00 -5.49 -2.39
N GLN B 93 2.20 -6.31 -1.74
CA GLN B 93 1.90 -7.65 -2.22
C GLN B 93 1.01 -7.67 -3.42
N ASP B 94 0.69 -6.54 -4.05
CA ASP B 94 -0.08 -6.54 -5.28
C ASP B 94 0.78 -6.48 -6.53
N GLY B 95 2.08 -6.29 -6.36
CA GLY B 95 2.99 -6.36 -7.48
C GLY B 95 3.43 -5.02 -8.02
N LYS B 96 3.70 -4.06 -7.14
CA LYS B 96 4.17 -2.76 -7.59
C LYS B 96 5.07 -2.11 -6.56
N LEU B 97 6.22 -1.65 -7.01
CA LEU B 97 7.09 -0.77 -6.23
C LEU B 97 6.71 0.67 -6.53
N ILE B 98 6.73 1.51 -5.51
CA ILE B 98 6.43 2.92 -5.66
C ILE B 98 7.52 3.73 -5.00
N ILE B 99 8.02 4.75 -5.70
CA ILE B 99 9.02 5.66 -5.19
C ILE B 99 8.34 6.99 -4.91
N TRP B 100 8.51 7.48 -3.68
CA TRP B 100 7.70 8.56 -3.14
C TRP B 100 8.53 9.82 -2.92
N ASP B 101 7.93 10.96 -3.21
CA ASP B 101 8.45 12.26 -2.79
C ASP B 101 7.77 12.59 -1.47
N SER B 102 8.50 12.41 -0.37
CA SER B 102 7.89 12.48 0.96
C SER B 102 7.37 13.88 1.26
N TYR B 103 8.12 14.91 0.89
CA TYR B 103 7.71 16.27 1.22
C TYR B 103 6.43 16.68 0.52
N THR B 104 6.04 16.00 -0.55
CA THR B 104 4.90 16.40 -1.35
C THR B 104 3.84 15.32 -1.54
N THR B 105 4.11 14.07 -1.12
CA THR B 105 3.24 12.91 -1.27
C THR B 105 3.25 12.42 -2.73
N ASN B 106 3.93 13.15 -3.60
CA ASN B 106 3.93 12.81 -5.01
C ASN B 106 4.61 11.48 -5.26
N LYS B 107 4.14 10.78 -6.29
CA LYS B 107 4.74 9.54 -6.76
C LYS B 107 5.65 9.81 -7.94
N VAL B 108 6.83 9.20 -7.90
CA VAL B 108 7.86 9.43 -8.90
C VAL B 108 7.90 8.31 -9.93
N HIS B 109 7.81 7.05 -9.48
CA HIS B 109 7.78 5.91 -10.38
C HIS B 109 6.79 4.90 -9.86
N ALA B 110 6.42 3.95 -10.71
CA ALA B 110 5.58 2.81 -10.34
C ALA B 110 6.07 1.61 -11.15
N ILE B 111 6.95 0.82 -10.56
CA ILE B 111 7.53 -0.33 -11.24
C ILE B 111 6.58 -1.51 -11.14
N PRO B 112 6.13 -2.06 -12.27
CA PRO B 112 5.27 -3.24 -12.22
C PRO B 112 6.11 -4.51 -12.13
N LEU B 113 5.97 -5.23 -11.02
CA LEU B 113 6.77 -6.40 -10.76
C LEU B 113 6.27 -7.61 -11.55
N ARG B 114 7.20 -8.51 -11.86
CA ARG B 114 6.84 -9.74 -12.55
C ARG B 114 6.19 -10.74 -11.60
N SER B 115 6.63 -10.77 -10.35
CA SER B 115 6.03 -11.60 -9.31
C SER B 115 5.44 -10.69 -8.24
N SER B 116 4.23 -11.00 -7.80
CA SER B 116 3.50 -10.13 -6.90
C SER B 116 3.80 -10.38 -5.44
N TRP B 117 4.67 -11.32 -5.11
CA TRP B 117 4.95 -11.72 -3.74
C TRP B 117 6.35 -11.22 -3.37
N VAL B 118 6.42 -9.99 -2.87
CA VAL B 118 7.67 -9.36 -2.52
C VAL B 118 7.71 -9.14 -1.01
N MET B 119 8.87 -9.40 -0.42
CA MET B 119 9.07 -9.23 1.01
C MET B 119 10.22 -8.29 1.34
N THR B 120 10.81 -7.63 0.36
CA THR B 120 11.99 -6.83 0.63
C THR B 120 12.11 -5.70 -0.38
N CYS B 121 12.71 -4.61 0.08
CA CYS B 121 13.07 -3.47 -0.75
C CYS B 121 14.51 -3.09 -0.46
N ALA B 122 15.13 -2.41 -1.41
CA ALA B 122 16.50 -1.93 -1.22
C ALA B 122 16.70 -0.77 -2.17
N TYR B 123 16.99 0.40 -1.60
CA TYR B 123 17.29 1.61 -2.36
C TYR B 123 18.80 1.77 -2.34
N ALA B 124 19.40 1.93 -3.52
CA ALA B 124 20.83 2.10 -3.57
C ALA B 124 21.24 3.39 -2.87
N PRO B 125 22.38 3.42 -2.19
CA PRO B 125 22.83 4.68 -1.58
C PRO B 125 23.08 5.77 -2.59
N SER B 126 23.51 5.42 -3.80
CA SER B 126 23.67 6.41 -4.86
C SER B 126 22.32 6.91 -5.37
N GLY B 127 21.31 6.05 -5.36
CA GLY B 127 19.98 6.41 -5.82
C GLY B 127 19.64 5.96 -7.21
N ASN B 128 20.55 5.26 -7.89
CA ASN B 128 20.31 4.87 -9.28
C ASN B 128 19.54 3.56 -9.38
N TYR B 129 19.58 2.72 -8.36
CA TYR B 129 19.00 1.39 -8.43
C TYR B 129 18.05 1.16 -7.26
N VAL B 130 17.08 0.27 -7.48
CA VAL B 130 16.30 -0.31 -6.40
C VAL B 130 16.29 -1.81 -6.63
N ALA B 131 16.06 -2.55 -5.55
CA ALA B 131 16.04 -4.01 -5.59
C ALA B 131 14.75 -4.52 -4.98
N CYS B 132 14.33 -5.70 -5.43
CA CYS B 132 13.16 -6.37 -4.88
C CYS B 132 13.45 -7.86 -4.85
N GLY B 133 12.69 -8.57 -4.02
CA GLY B 133 12.80 -10.01 -3.96
C GLY B 133 11.72 -10.59 -3.10
N GLY B 134 11.54 -11.90 -3.23
CA GLY B 134 10.54 -12.58 -2.43
C GLY B 134 10.45 -14.07 -2.65
N LEU B 135 9.22 -14.57 -2.76
CA LEU B 135 8.98 -16.00 -2.84
C LEU B 135 9.41 -16.60 -4.17
N ASP B 136 9.77 -15.79 -5.14
CA ASP B 136 10.17 -16.28 -6.45
C ASP B 136 11.66 -16.59 -6.53
N ASN B 137 12.36 -16.58 -5.39
CA ASN B 137 13.76 -17.00 -5.26
C ASN B 137 14.75 -16.06 -5.94
N ILE B 138 14.31 -14.90 -6.44
CA ILE B 138 15.12 -14.06 -7.31
C ILE B 138 15.18 -12.65 -6.76
N CYS B 139 16.36 -12.04 -6.85
CA CYS B 139 16.54 -10.61 -6.61
C CYS B 139 16.59 -9.90 -7.96
N SER B 140 15.73 -8.91 -8.14
CA SER B 140 15.66 -8.14 -9.37
C SER B 140 16.09 -6.71 -9.09
N ILE B 141 17.09 -6.24 -9.83
CA ILE B 141 17.63 -4.90 -9.68
C ILE B 141 17.08 -4.02 -10.79
N TYR B 142 16.49 -2.89 -10.44
CA TYR B 142 15.84 -1.99 -11.39
C TYR B 142 16.67 -0.73 -11.58
N ASN B 143 16.87 -0.34 -12.83
CA ASN B 143 17.60 0.86 -13.18
C ASN B 143 16.64 2.02 -13.27
N LEU B 144 16.88 3.08 -12.50
CA LEU B 144 15.96 4.20 -12.42
C LEU B 144 16.43 5.37 -13.29
N LYS B 145 17.64 5.86 -13.08
CA LYS B 145 18.17 6.99 -13.85
C LYS B 145 18.70 6.46 -15.17
N THR B 146 17.81 6.33 -16.14
CA THR B 146 18.17 5.92 -17.48
C THR B 146 17.44 6.80 -18.48
N ARG B 147 17.83 6.68 -19.74
CA ARG B 147 17.09 7.31 -20.83
C ARG B 147 15.87 6.46 -21.13
N GLU B 148 15.23 6.71 -22.28
CA GLU B 148 14.06 5.99 -22.77
C GLU B 148 12.89 6.03 -21.78
N GLY B 149 13.03 6.80 -20.70
CA GLY B 149 11.91 7.16 -19.86
C GLY B 149 11.19 6.02 -19.18
N ASN B 150 11.81 4.85 -19.10
CA ASN B 150 11.18 3.68 -18.50
C ASN B 150 12.15 3.04 -17.51
N VAL B 151 11.64 2.69 -16.34
CA VAL B 151 12.43 1.91 -15.38
C VAL B 151 12.40 0.46 -15.81
N ARG B 152 13.58 -0.12 -16.01
CA ARG B 152 13.70 -1.47 -16.54
C ARG B 152 14.63 -2.29 -15.68
N VAL B 153 14.58 -3.60 -15.87
CA VAL B 153 15.35 -4.52 -15.04
C VAL B 153 16.80 -4.50 -15.49
N SER B 154 17.70 -4.27 -14.54
CA SER B 154 19.12 -4.29 -14.84
C SER B 154 19.64 -5.73 -14.92
N ARG B 155 19.36 -6.53 -13.90
CA ARG B 155 19.84 -7.90 -13.87
C ARG B 155 19.06 -8.69 -12.83
N GLU B 156 18.73 -9.94 -13.16
CA GLU B 156 18.07 -10.86 -12.26
C GLU B 156 19.12 -11.76 -11.63
N LEU B 157 19.07 -11.88 -10.31
CA LEU B 157 20.12 -12.55 -9.54
C LEU B 157 19.57 -13.87 -8.98
N ALA B 158 19.77 -14.95 -9.73
CA ALA B 158 19.40 -16.28 -9.29
C ALA B 158 20.55 -16.93 -8.53
N GLY B 159 20.21 -17.91 -7.71
CA GLY B 159 21.24 -18.58 -6.94
C GLY B 159 20.85 -19.05 -5.55
N HIS B 160 19.68 -18.66 -5.09
CA HIS B 160 19.14 -19.16 -3.83
C HIS B 160 18.18 -20.30 -4.10
N THR B 161 17.87 -21.05 -3.04
CA THR B 161 16.86 -22.09 -3.10
C THR B 161 15.73 -21.85 -2.10
N GLY B 162 15.55 -20.60 -1.69
CA GLY B 162 14.51 -20.26 -0.74
C GLY B 162 14.10 -18.82 -0.90
N TYR B 163 13.03 -18.46 -0.20
CA TYR B 163 12.50 -17.11 -0.27
C TYR B 163 13.52 -16.11 0.21
N LEU B 164 13.72 -15.04 -0.56
CA LEU B 164 14.64 -13.98 -0.20
C LEU B 164 14.03 -13.09 0.86
N SER B 165 14.63 -13.08 2.04
CA SER B 165 14.08 -12.29 3.14
C SER B 165 14.48 -10.82 3.03
N CYS B 166 15.78 -10.55 3.07
CA CYS B 166 16.28 -9.19 3.09
C CYS B 166 17.36 -9.03 2.03
N CYS B 167 17.42 -7.84 1.45
CA CYS B 167 18.46 -7.47 0.52
C CYS B 167 18.94 -6.07 0.86
N ARG B 168 20.23 -5.92 1.09
CA ARG B 168 20.84 -4.63 1.36
C ARG B 168 21.95 -4.36 0.36
N PHE B 169 22.16 -3.09 0.07
CA PHE B 169 23.16 -2.65 -0.88
C PHE B 169 24.42 -2.24 -0.12
N LEU B 170 25.52 -2.96 -0.34
CA LEU B 170 26.80 -2.50 0.17
C LEU B 170 27.28 -1.27 -0.58
N ASP B 171 27.11 -1.27 -1.90
CA ASP B 171 27.61 -0.22 -2.78
C ASP B 171 26.83 -0.34 -4.08
N ASP B 172 27.28 0.37 -5.11
CA ASP B 172 26.55 0.38 -6.37
C ASP B 172 26.58 -0.95 -7.09
N ASN B 173 27.64 -1.74 -6.88
CA ASN B 173 27.81 -3.02 -7.57
C ASN B 173 28.04 -4.15 -6.59
N GLN B 174 27.38 -4.09 -5.44
CA GLN B 174 27.42 -5.17 -4.47
C GLN B 174 26.08 -5.20 -3.74
N ILE B 175 25.66 -6.40 -3.37
CA ILE B 175 24.40 -6.57 -2.66
C ILE B 175 24.51 -7.79 -1.78
N VAL B 176 23.98 -7.68 -0.56
CA VAL B 176 23.96 -8.78 0.39
C VAL B 176 22.52 -9.25 0.50
N THR B 177 22.31 -10.54 0.29
CA THR B 177 21.00 -11.14 0.27
C THR B 177 20.91 -12.27 1.29
N SER B 178 19.78 -12.35 1.99
CA SER B 178 19.50 -13.41 2.93
C SER B 178 18.30 -14.21 2.45
N SER B 179 18.28 -15.50 2.76
CA SER B 179 17.25 -16.40 2.25
C SER B 179 16.81 -17.38 3.32
N GLY B 180 15.65 -17.97 3.10
CA GLY B 180 15.19 -19.08 3.93
C GLY B 180 15.89 -20.38 3.60
N ASP B 181 17.15 -20.28 3.16
CA ASP B 181 18.04 -21.40 2.97
C ASP B 181 19.05 -21.55 4.09
N THR B 182 18.88 -20.80 5.18
CA THR B 182 19.89 -20.68 6.23
C THR B 182 21.21 -20.16 5.67
N THR B 183 21.14 -19.29 4.68
CA THR B 183 22.34 -18.87 3.96
C THR B 183 22.23 -17.41 3.54
N CYS B 184 23.34 -16.68 3.71
CA CYS B 184 23.49 -15.33 3.20
C CYS B 184 24.53 -15.31 2.10
N ALA B 185 24.38 -14.40 1.15
CA ALA B 185 25.26 -14.36 0.00
C ALA B 185 25.59 -12.93 -0.37
N LEU B 186 26.71 -12.77 -1.06
CA LEU B 186 27.15 -11.49 -1.60
C LEU B 186 27.28 -11.61 -3.11
N TRP B 187 26.73 -10.64 -3.83
CA TRP B 187 26.70 -10.69 -5.28
C TRP B 187 27.46 -9.51 -5.87
N ASP B 188 27.86 -9.69 -7.13
CA ASP B 188 28.35 -8.61 -7.97
C ASP B 188 27.27 -8.37 -9.03
N ILE B 189 26.61 -7.22 -8.95
CA ILE B 189 25.54 -6.92 -9.89
C ILE B 189 26.08 -6.86 -11.31
N GLU B 190 27.29 -6.34 -11.49
CA GLU B 190 27.87 -6.23 -12.82
C GLU B 190 28.10 -7.60 -13.45
N THR B 191 28.59 -8.56 -12.66
CA THR B 191 28.92 -9.88 -13.18
C THR B 191 27.80 -10.89 -12.95
N GLY B 192 27.17 -10.86 -11.78
CA GLY B 192 26.10 -11.79 -11.47
C GLY B 192 26.48 -12.99 -10.64
N GLN B 193 27.67 -13.00 -10.06
CA GLN B 193 28.19 -14.16 -9.35
C GLN B 193 28.12 -13.95 -7.85
N GLN B 194 28.22 -15.06 -7.12
CA GLN B 194 28.31 -15.02 -5.67
C GLN B 194 29.77 -14.92 -5.28
N THR B 195 30.20 -13.73 -4.87
CA THR B 195 31.57 -13.57 -4.42
C THR B 195 31.84 -14.40 -3.17
N THR B 196 30.88 -14.46 -2.26
CA THR B 196 31.01 -15.29 -1.08
C THR B 196 29.63 -15.77 -0.65
N THR B 197 29.63 -16.87 0.08
CA THR B 197 28.41 -17.41 0.68
C THR B 197 28.64 -17.55 2.18
N PHE B 198 27.68 -17.06 2.96
CA PHE B 198 27.81 -16.98 4.41
C PHE B 198 27.03 -18.14 5.01
N THR B 199 27.71 -19.28 5.12
CA THR B 199 27.14 -20.46 5.74
C THR B 199 27.37 -20.44 7.24
N GLY B 200 26.53 -21.17 7.97
CA GLY B 200 26.74 -21.31 9.40
C GLY B 200 25.47 -21.32 10.21
N HIS B 201 24.39 -20.80 9.64
CA HIS B 201 23.13 -20.73 10.38
C HIS B 201 22.46 -22.09 10.41
N THR B 202 21.45 -22.20 11.28
CA THR B 202 20.67 -23.41 11.39
C THR B 202 19.19 -23.21 11.08
N GLY B 203 18.73 -21.98 10.93
CA GLY B 203 17.35 -21.72 10.59
C GLY B 203 17.26 -20.64 9.53
N ASP B 204 16.04 -20.40 9.06
CA ASP B 204 15.81 -19.43 8.01
C ASP B 204 16.22 -18.02 8.47
N VAL B 205 17.28 -17.48 7.87
CA VAL B 205 17.66 -16.11 8.19
C VAL B 205 16.62 -15.15 7.64
N MET B 206 16.11 -14.29 8.52
CA MET B 206 14.99 -13.43 8.20
C MET B 206 15.36 -11.96 8.13
N SER B 207 16.55 -11.59 8.59
CA SER B 207 16.90 -10.18 8.68
C SER B 207 18.42 -10.05 8.64
N LEU B 208 18.89 -8.97 8.04
CA LEU B 208 20.28 -8.58 8.16
C LEU B 208 20.37 -7.07 8.26
N SER B 209 21.31 -6.59 9.08
CA SER B 209 21.50 -5.17 9.30
C SER B 209 22.97 -4.83 9.10
N LEU B 210 23.25 -4.03 8.08
CA LEU B 210 24.61 -3.61 7.74
C LEU B 210 25.18 -2.69 8.80
N ALA B 211 26.46 -2.86 9.08
CA ALA B 211 27.16 -1.95 9.96
C ALA B 211 27.36 -0.60 9.27
N PRO B 212 27.48 0.48 10.04
CA PRO B 212 27.67 1.81 9.42
C PRO B 212 28.88 1.89 8.51
N ASP B 213 29.98 1.21 8.84
CA ASP B 213 31.17 1.26 8.01
C ASP B 213 31.10 0.32 6.80
N THR B 214 30.06 -0.51 6.71
CA THR B 214 29.81 -1.37 5.54
C THR B 214 30.98 -2.35 5.35
N ARG B 215 31.54 -2.82 6.45
CA ARG B 215 32.50 -3.93 6.44
C ARG B 215 32.04 -5.10 7.28
N LEU B 216 31.04 -4.91 8.13
CA LEU B 216 30.46 -5.97 8.94
C LEU B 216 28.96 -5.97 8.72
N PHE B 217 28.32 -7.10 9.01
CA PHE B 217 26.87 -7.11 9.08
C PHE B 217 26.41 -8.28 9.94
N VAL B 218 25.37 -8.05 10.72
CA VAL B 218 24.77 -9.07 11.57
C VAL B 218 23.49 -9.55 10.91
N SER B 219 23.16 -10.83 11.14
CA SER B 219 21.98 -11.45 10.56
C SER B 219 21.32 -12.33 11.61
N GLY B 220 20.00 -12.24 11.69
CA GLY B 220 19.23 -12.96 12.69
C GLY B 220 18.44 -14.08 12.06
N ALA B 221 18.23 -15.15 12.81
CA ALA B 221 17.61 -16.35 12.28
C ALA B 221 16.53 -16.83 13.24
N CYS B 222 15.67 -17.73 12.73
CA CYS B 222 14.58 -18.29 13.51
C CYS B 222 15.06 -19.26 14.57
N ASP B 223 16.33 -19.62 14.58
CA ASP B 223 16.90 -20.47 15.62
C ASP B 223 17.27 -19.70 16.87
N ALA B 224 16.77 -18.48 17.02
CA ALA B 224 17.08 -17.62 18.16
C ALA B 224 18.59 -17.42 18.28
N SER B 225 19.16 -16.78 17.26
CA SER B 225 20.58 -16.53 17.23
C SER B 225 20.88 -15.48 16.18
N ALA B 226 21.93 -14.71 16.42
CA ALA B 226 22.42 -13.72 15.48
C ALA B 226 23.93 -13.86 15.39
N LYS B 227 24.45 -13.75 14.18
CA LYS B 227 25.87 -13.90 13.94
C LYS B 227 26.42 -12.64 13.29
N LEU B 228 27.59 -12.21 13.76
CA LEU B 228 28.27 -11.07 13.17
C LEU B 228 29.25 -11.56 12.11
N TRP B 229 29.10 -11.07 10.89
CA TRP B 229 29.86 -11.51 9.74
C TRP B 229 30.86 -10.45 9.32
N ASP B 230 31.92 -10.90 8.66
CA ASP B 230 32.93 -10.00 8.10
C ASP B 230 32.86 -10.12 6.59
N VAL B 231 32.43 -9.04 5.93
CA VAL B 231 32.03 -9.10 4.54
C VAL B 231 33.19 -9.53 3.66
N ARG B 232 34.37 -8.95 3.89
CA ARG B 232 35.51 -9.22 3.01
C ARG B 232 36.05 -10.63 3.25
N GLU B 233 36.46 -10.93 4.48
CA GLU B 233 37.07 -12.22 4.76
C GLU B 233 36.09 -13.36 4.58
N GLY B 234 34.91 -13.26 5.19
CA GLY B 234 33.87 -14.24 5.03
C GLY B 234 33.76 -15.27 6.14
N MET B 235 33.88 -14.86 7.39
CA MET B 235 33.79 -15.78 8.52
C MET B 235 32.93 -15.17 9.61
N CYS B 236 32.21 -16.03 10.32
CA CYS B 236 31.46 -15.57 11.49
C CYS B 236 32.42 -15.26 12.63
N ARG B 237 32.25 -14.10 13.23
CA ARG B 237 33.12 -13.66 14.31
C ARG B 237 32.53 -13.88 15.68
N GLN B 238 31.25 -13.59 15.87
CA GLN B 238 30.59 -13.77 17.16
C GLN B 238 29.18 -14.29 16.93
N THR B 239 28.69 -15.04 17.91
CA THR B 239 27.39 -15.70 17.84
C THR B 239 26.63 -15.39 19.11
N PHE B 240 25.55 -14.63 18.99
CA PHE B 240 24.81 -14.13 20.14
C PHE B 240 23.53 -14.93 20.32
N THR B 241 23.34 -15.46 21.53
CA THR B 241 22.19 -16.29 21.85
C THR B 241 21.61 -15.84 23.19
N GLY B 242 20.54 -15.06 23.15
CA GLY B 242 19.84 -14.71 24.37
C GLY B 242 18.33 -14.79 24.24
N HIS B 243 17.84 -14.90 23.02
CA HIS B 243 16.41 -14.93 22.74
C HIS B 243 15.86 -16.35 22.92
N GLU B 244 14.52 -16.44 22.87
CA GLU B 244 13.82 -17.70 23.03
C GLU B 244 12.99 -18.08 21.82
N SER B 245 12.84 -17.20 20.84
CA SER B 245 12.10 -17.50 19.64
C SER B 245 12.78 -16.75 18.49
N ASP B 246 12.10 -16.63 17.36
CA ASP B 246 12.71 -16.10 16.15
C ASP B 246 13.12 -14.64 16.33
N ILE B 247 14.03 -14.20 15.47
CA ILE B 247 14.45 -12.81 15.42
C ILE B 247 13.91 -12.22 14.12
N ASN B 248 12.90 -11.36 14.23
CA ASN B 248 12.30 -10.76 13.06
C ASN B 248 13.06 -9.53 12.59
N ALA B 249 13.55 -8.73 13.51
CA ALA B 249 14.20 -7.46 13.18
C ALA B 249 15.55 -7.37 13.87
N ILE B 250 16.46 -6.65 13.22
CA ILE B 250 17.80 -6.42 13.74
C ILE B 250 18.29 -5.10 13.17
N CYS B 251 18.99 -4.30 13.99
CA CYS B 251 19.51 -3.03 13.54
C CYS B 251 20.72 -2.62 14.35
N PHE B 252 21.72 -2.08 13.68
CA PHE B 252 22.91 -1.58 14.34
C PHE B 252 22.67 -0.28 15.09
N PHE B 253 23.38 -0.13 16.20
CA PHE B 253 23.58 1.18 16.82
C PHE B 253 24.33 2.07 15.84
N PRO B 254 24.06 3.39 15.85
CA PRO B 254 24.77 4.28 14.91
C PRO B 254 26.26 4.25 15.09
N ASN B 255 26.74 4.01 16.31
CA ASN B 255 28.17 3.85 16.55
C ASN B 255 28.75 2.69 15.76
N GLY B 256 27.95 1.68 15.46
CA GLY B 256 28.46 0.46 14.89
C GLY B 256 29.02 -0.51 15.90
N ASN B 257 28.75 -0.32 17.19
CA ASN B 257 29.28 -1.17 18.24
C ASN B 257 28.19 -1.86 19.05
N ALA B 258 26.93 -1.76 18.65
CA ALA B 258 25.84 -2.45 19.30
C ALA B 258 24.74 -2.66 18.30
N PHE B 259 23.83 -3.57 18.62
CA PHE B 259 22.68 -3.79 17.75
C PHE B 259 21.52 -4.33 18.56
N ALA B 260 20.33 -3.88 18.20
CA ALA B 260 19.11 -4.31 18.86
C ALA B 260 18.45 -5.40 18.06
N THR B 261 17.87 -6.38 18.75
CA THR B 261 17.33 -7.57 18.11
C THR B 261 15.87 -7.75 18.53
N GLY B 262 14.98 -7.70 17.56
CA GLY B 262 13.56 -7.90 17.82
C GLY B 262 13.20 -9.37 17.66
N SER B 263 12.33 -9.85 18.55
CA SER B 263 11.98 -11.25 18.58
C SER B 263 10.49 -11.43 18.73
N ASP B 264 10.02 -12.64 18.39
CA ASP B 264 8.62 -13.00 18.51
C ASP B 264 8.15 -13.16 19.94
N ASP B 265 9.04 -13.15 20.93
CA ASP B 265 8.64 -13.23 22.32
C ASP B 265 8.49 -11.87 22.98
N ALA B 266 8.33 -10.81 22.20
CA ALA B 266 8.05 -9.44 22.63
C ALA B 266 9.21 -8.78 23.36
N THR B 267 10.41 -9.34 23.31
CA THR B 267 11.56 -8.79 24.00
C THR B 267 12.56 -8.24 23.00
N CYS B 268 13.09 -7.06 23.28
CA CYS B 268 14.18 -6.46 22.52
C CYS B 268 15.42 -6.39 23.40
N ARG B 269 16.55 -6.80 22.84
CA ARG B 269 17.81 -6.83 23.57
C ARG B 269 18.83 -5.98 22.83
N LEU B 270 19.69 -5.31 23.59
CA LEU B 270 20.73 -4.46 23.02
C LEU B 270 22.07 -5.15 23.23
N PHE B 271 22.50 -5.90 22.22
CA PHE B 271 23.74 -6.64 22.31
C PHE B 271 24.93 -5.72 22.11
N ASP B 272 26.08 -6.16 22.58
CA ASP B 272 27.30 -5.39 22.49
C ASP B 272 28.41 -6.26 21.94
N LEU B 273 29.29 -5.66 21.15
CA LEU B 273 30.24 -6.43 20.35
C LEU B 273 31.56 -6.63 21.07
N ARG B 274 32.13 -5.59 21.66
CA ARG B 274 33.42 -5.74 22.32
C ARG B 274 33.32 -6.54 23.62
N ALA B 275 32.13 -6.76 24.15
CA ALA B 275 31.96 -7.57 25.34
C ALA B 275 31.27 -8.89 25.09
N ASP B 276 30.68 -9.08 23.90
CA ASP B 276 29.96 -10.30 23.55
C ASP B 276 28.91 -10.64 24.61
N GLN B 277 28.01 -9.69 24.85
CA GLN B 277 27.10 -9.79 25.97
C GLN B 277 25.89 -8.92 25.71
N GLU B 278 24.79 -9.24 26.38
CA GLU B 278 23.58 -8.44 26.35
C GLU B 278 23.69 -7.35 27.40
N LEU B 279 23.30 -6.13 27.04
CA LEU B 279 23.34 -5.00 27.96
C LEU B 279 21.98 -4.69 28.58
N MET B 280 20.98 -4.42 27.75
CA MET B 280 19.67 -3.99 28.24
C MET B 280 18.60 -4.95 27.75
N THR B 281 17.41 -4.87 28.34
CA THR B 281 16.31 -5.79 28.04
C THR B 281 15.01 -4.99 27.99
N TYR B 282 14.53 -4.70 26.79
CA TYR B 282 13.35 -3.86 26.60
C TYR B 282 12.12 -4.74 26.50
N SER B 283 11.61 -5.15 27.66
CA SER B 283 10.42 -5.98 27.73
C SER B 283 9.47 -5.44 28.79
N HIS B 284 8.18 -5.51 28.50
CA HIS B 284 7.16 -5.04 29.42
C HIS B 284 6.20 -6.17 29.77
N ASP B 285 5.56 -6.03 30.93
CA ASP B 285 4.61 -7.05 31.38
C ASP B 285 3.40 -7.14 30.47
N ASN B 286 2.83 -6.00 30.07
CA ASN B 286 1.58 -5.98 29.33
C ASN B 286 1.79 -6.00 27.82
N ILE B 287 2.89 -6.56 27.34
CA ILE B 287 3.15 -6.72 25.92
C ILE B 287 3.45 -8.19 25.64
N ILE B 288 2.72 -8.77 24.69
CA ILE B 288 2.95 -10.16 24.30
C ILE B 288 3.16 -10.33 22.80
N CYS B 289 2.69 -9.42 21.96
CA CYS B 289 2.92 -9.53 20.53
C CYS B 289 4.40 -9.37 20.22
N GLY B 290 4.89 -10.18 19.29
CA GLY B 290 6.28 -10.11 18.92
C GLY B 290 6.60 -8.86 18.13
N ILE B 291 7.90 -8.56 18.06
CA ILE B 291 8.34 -7.38 17.33
C ILE B 291 8.26 -7.66 15.84
N THR B 292 8.09 -6.60 15.07
CA THR B 292 8.12 -6.70 13.62
C THR B 292 9.26 -5.91 12.98
N SER B 293 9.65 -4.79 13.56
CA SER B 293 10.74 -3.99 13.04
C SER B 293 11.38 -3.23 14.20
N VAL B 294 12.69 -3.01 14.10
CA VAL B 294 13.43 -2.24 15.08
C VAL B 294 14.32 -1.27 14.35
N SER B 295 14.30 -0.01 14.78
CA SER B 295 15.20 1.01 14.25
C SER B 295 15.62 1.93 15.39
N PHE B 296 16.69 2.66 15.16
CA PHE B 296 17.25 3.60 16.13
C PHE B 296 17.03 5.02 15.66
N SER B 297 17.59 5.97 16.40
CA SER B 297 17.63 7.36 16.01
C SER B 297 19.07 7.76 15.72
N LYS B 298 19.23 8.96 15.17
CA LYS B 298 20.56 9.41 14.77
C LYS B 298 21.49 9.52 15.97
N SER B 299 20.98 10.04 17.08
CA SER B 299 21.77 10.14 18.30
C SER B 299 21.86 8.82 19.04
N GLY B 300 21.06 7.83 18.66
CA GLY B 300 21.08 6.55 19.33
C GLY B 300 20.53 6.59 20.74
N ARG B 301 19.48 7.35 20.97
CA ARG B 301 18.79 7.38 22.26
C ARG B 301 17.44 6.70 22.21
N LEU B 302 16.69 6.87 21.13
CA LEU B 302 15.39 6.24 21.00
C LEU B 302 15.52 4.92 20.27
N LEU B 303 14.65 3.98 20.65
CA LEU B 303 14.55 2.68 20.00
C LEU B 303 13.10 2.48 19.60
N LEU B 304 12.81 2.65 18.32
CA LEU B 304 11.46 2.45 17.81
C LEU B 304 11.28 0.98 17.50
N ALA B 305 10.27 0.37 18.10
CA ALA B 305 9.97 -1.04 17.91
C ALA B 305 8.55 -1.20 17.40
N GLY B 306 8.39 -1.91 16.28
CA GLY B 306 7.10 -2.15 15.69
C GLY B 306 6.55 -3.50 16.13
N TYR B 307 5.31 -3.47 16.60
CA TYR B 307 4.69 -4.65 17.19
C TYR B 307 3.52 -5.13 16.32
N ASP B 308 2.88 -6.20 16.78
CA ASP B 308 1.65 -6.69 16.18
C ASP B 308 0.40 -6.20 16.89
N ASP B 309 0.54 -5.44 17.98
CA ASP B 309 -0.62 -4.81 18.60
C ASP B 309 -1.00 -3.51 17.91
N PHE B 310 -0.51 -3.32 16.69
CA PHE B 310 -0.87 -2.25 15.78
C PHE B 310 -0.27 -0.90 16.17
N ASN B 311 0.73 -0.85 17.03
CA ASN B 311 1.35 0.44 17.32
C ASN B 311 2.83 0.27 17.64
N CYS B 312 3.56 1.38 17.55
CA CYS B 312 5.01 1.41 17.72
C CYS B 312 5.34 2.03 19.07
N ASN B 313 6.21 1.37 19.83
CA ASN B 313 6.63 1.84 21.14
C ASN B 313 8.05 2.40 21.04
N VAL B 314 8.26 3.56 21.64
CA VAL B 314 9.51 4.30 21.53
C VAL B 314 10.22 4.18 22.87
N TRP B 315 11.21 3.31 22.94
CA TRP B 315 11.96 3.06 24.15
C TRP B 315 13.12 4.04 24.27
N ASP B 316 13.59 4.19 25.50
CA ASP B 316 14.82 4.92 25.78
C ASP B 316 15.95 3.89 25.82
N ALA B 317 16.88 3.99 24.87
CA ALA B 317 17.83 2.92 24.64
C ALA B 317 18.71 2.68 25.86
N LEU B 318 19.03 3.73 26.59
CA LEU B 318 19.94 3.59 27.71
C LEU B 318 19.25 3.32 29.04
N LYS B 319 17.92 3.36 29.10
CA LYS B 319 17.25 3.20 30.38
C LYS B 319 15.97 2.36 30.33
N ALA B 320 15.64 1.76 29.19
CA ALA B 320 14.58 0.75 29.08
C ALA B 320 13.25 1.24 29.63
N ASP B 321 12.89 2.48 29.34
CA ASP B 321 11.60 3.02 29.71
C ASP B 321 10.90 3.54 28.46
N ARG B 322 9.61 3.29 28.37
CA ARG B 322 8.84 3.79 27.24
C ARG B 322 8.80 5.31 27.27
N ALA B 323 8.70 5.90 26.09
CA ALA B 323 8.56 7.33 25.97
C ALA B 323 7.34 7.76 25.18
N GLY B 324 6.67 6.84 24.48
CA GLY B 324 5.50 7.22 23.72
C GLY B 324 5.12 6.10 22.78
N VAL B 325 3.91 6.23 22.24
CA VAL B 325 3.34 5.26 21.32
C VAL B 325 2.91 6.00 20.06
N LEU B 326 3.28 5.45 18.90
CA LEU B 326 2.76 5.92 17.62
C LEU B 326 1.57 5.04 17.26
N ALA B 327 0.44 5.32 17.91
CA ALA B 327 -0.77 4.54 17.74
C ALA B 327 -1.63 5.22 16.68
N GLY B 328 -1.43 4.84 15.43
CA GLY B 328 -2.26 5.36 14.37
C GLY B 328 -2.53 4.34 13.29
N HIS B 329 -2.34 3.07 13.60
CA HIS B 329 -2.48 2.01 12.63
C HIS B 329 -3.57 1.04 13.04
N ASP B 330 -4.28 0.50 12.05
CA ASP B 330 -5.33 -0.47 12.26
C ASP B 330 -4.99 -1.80 11.59
N ASN B 331 -3.72 -2.17 11.65
CA ASN B 331 -3.20 -3.49 11.32
C ASN B 331 -1.71 -3.45 11.68
N ARG B 332 -1.04 -4.58 11.51
CA ARG B 332 0.31 -4.68 12.01
C ARG B 332 1.26 -3.79 11.21
N VAL B 333 2.31 -3.32 11.88
CA VAL B 333 3.36 -2.55 11.23
C VAL B 333 4.39 -3.54 10.71
N SER B 334 4.52 -3.61 9.39
CA SER B 334 5.42 -4.56 8.76
C SER B 334 6.78 -3.97 8.45
N CYS B 335 6.97 -2.67 8.66
CA CYS B 335 8.16 -1.98 8.19
C CYS B 335 8.24 -0.64 8.89
N LEU B 336 9.48 -0.17 9.09
CA LEU B 336 9.73 0.99 9.93
C LEU B 336 11.13 1.48 9.64
N GLY B 337 11.27 2.72 9.21
CA GLY B 337 12.57 3.26 8.87
C GLY B 337 12.75 4.66 9.41
N VAL B 338 13.99 5.01 9.69
CA VAL B 338 14.37 6.33 10.16
C VAL B 338 15.31 6.95 9.15
N THR B 339 15.07 8.21 8.80
CA THR B 339 15.90 8.91 7.83
C THR B 339 17.34 8.98 8.30
N ASP B 340 18.26 9.08 7.34
CA ASP B 340 19.67 9.15 7.66
C ASP B 340 20.06 10.45 8.33
N ASP B 341 19.20 11.46 8.27
CA ASP B 341 19.41 12.71 8.98
C ASP B 341 18.53 12.86 10.20
N GLY B 342 17.61 11.93 10.44
CA GLY B 342 16.86 11.88 11.66
C GLY B 342 15.62 12.75 11.72
N MET B 343 15.21 13.35 10.60
CA MET B 343 14.08 14.26 10.64
C MET B 343 12.77 13.51 10.86
N ALA B 344 12.56 12.42 10.14
CA ALA B 344 11.27 11.76 10.13
C ALA B 344 11.44 10.26 10.32
N VAL B 345 10.33 9.61 10.63
CA VAL B 345 10.25 8.16 10.72
C VAL B 345 8.98 7.71 10.03
N ALA B 346 9.07 6.62 9.27
CA ALA B 346 7.98 6.17 8.41
C ALA B 346 7.58 4.75 8.79
N THR B 347 6.31 4.56 9.11
CA THR B 347 5.75 3.26 9.44
C THR B 347 4.79 2.84 8.35
N GLY B 348 4.99 1.64 7.83
CA GLY B 348 4.09 1.06 6.84
C GLY B 348 3.39 -0.14 7.44
N SER B 349 2.10 -0.27 7.14
CA SER B 349 1.27 -1.27 7.77
C SER B 349 0.58 -2.11 6.70
N TRP B 350 -0.03 -3.20 7.15
CA TRP B 350 -0.81 -4.06 6.28
C TRP B 350 -2.12 -3.42 5.87
N ASP B 351 -2.48 -2.27 6.42
CA ASP B 351 -3.68 -1.55 6.01
C ASP B 351 -3.45 -0.75 4.74
N SER B 352 -2.26 -0.82 4.14
CA SER B 352 -1.94 -0.19 2.87
C SER B 352 -1.85 1.33 2.98
N PHE B 353 -1.32 1.83 4.09
CA PHE B 353 -1.06 3.25 4.25
C PHE B 353 0.30 3.43 4.90
N LEU B 354 1.16 4.23 4.27
CA LEU B 354 2.37 4.71 4.90
C LEU B 354 2.07 5.94 5.73
N LYS B 355 2.87 6.18 6.74
CA LYS B 355 2.70 7.33 7.60
C LYS B 355 4.05 7.86 8.01
N ILE B 356 4.21 9.17 7.96
CA ILE B 356 5.47 9.83 8.25
C ILE B 356 5.30 10.64 9.53
N TRP B 357 6.23 10.45 10.45
CA TRP B 357 6.09 10.93 11.81
C TRP B 357 7.29 11.84 12.11
N ASN B 358 7.04 12.95 12.78
CA ASN B 358 8.11 13.89 13.06
C ASN B 358 7.81 14.65 14.35
N GLN C 11 31.77 -36.01 10.46
CA GLN C 11 32.77 -35.00 10.13
C GLN C 11 32.20 -33.60 10.32
N ALA C 12 31.94 -33.24 11.58
CA ALA C 12 31.39 -31.93 11.94
C ALA C 12 32.44 -31.07 12.64
N ARG C 13 33.68 -31.12 12.16
CA ARG C 13 34.76 -30.33 12.73
C ARG C 13 34.59 -28.83 12.48
N LYS C 14 33.68 -28.44 11.59
CA LYS C 14 33.47 -27.03 11.32
C LYS C 14 32.99 -26.29 12.56
N LEU C 15 32.08 -26.90 13.32
CA LEU C 15 31.53 -26.25 14.51
C LEU C 15 32.60 -26.02 15.56
N VAL C 16 33.41 -27.04 15.84
CA VAL C 16 34.45 -26.89 16.86
C VAL C 16 35.54 -25.95 16.38
N GLU C 17 35.85 -25.97 15.08
CA GLU C 17 36.83 -25.03 14.55
C GLU C 17 36.34 -23.59 14.69
N GLN C 18 35.07 -23.34 14.39
CA GLN C 18 34.52 -22.00 14.55
C GLN C 18 34.51 -21.59 16.01
N LEU C 19 34.15 -22.51 16.91
CA LEU C 19 34.15 -22.17 18.34
C LEU C 19 35.55 -21.84 18.82
N LYS C 20 36.56 -22.58 18.35
CA LYS C 20 37.93 -22.29 18.72
C LYS C 20 38.39 -20.94 18.16
N MET C 21 37.98 -20.60 16.94
CA MET C 21 38.35 -19.32 16.35
C MET C 21 37.59 -18.16 16.97
N GLU C 22 36.43 -18.40 17.57
CA GLU C 22 35.62 -17.35 18.17
C GLU C 22 35.96 -17.12 19.64
N ALA C 23 36.24 -18.18 20.39
CA ALA C 23 36.55 -18.03 21.81
C ALA C 23 37.85 -17.25 22.01
N ASN C 24 38.82 -17.45 21.13
CA ASN C 24 40.12 -16.81 21.26
C ASN C 24 40.12 -15.42 20.63
N ILE C 25 39.31 -14.53 21.23
CA ILE C 25 39.27 -13.14 20.82
C ILE C 25 39.39 -12.26 22.06
N ASP C 26 39.74 -11.00 21.83
CA ASP C 26 39.99 -10.05 22.90
C ASP C 26 38.70 -9.28 23.19
N ARG C 27 38.16 -9.47 24.38
CA ARG C 27 36.97 -8.77 24.80
C ARG C 27 37.34 -7.53 25.61
N ILE C 28 36.32 -6.76 26.00
CA ILE C 28 36.47 -5.66 26.92
C ILE C 28 35.42 -5.81 28.01
N LYS C 29 35.45 -4.90 28.98
CA LYS C 29 34.52 -4.93 30.10
C LYS C 29 33.21 -4.24 29.73
N VAL C 30 32.14 -4.64 30.40
CA VAL C 30 30.82 -4.11 30.10
C VAL C 30 30.73 -2.63 30.45
N SER C 31 31.41 -2.21 31.51
CA SER C 31 31.36 -0.81 31.91
C SER C 31 31.95 0.10 30.84
N LYS C 32 33.07 -0.31 30.24
CA LYS C 32 33.70 0.50 29.20
C LYS C 32 32.78 0.67 28.00
N ALA C 33 32.18 -0.42 27.53
CA ALA C 33 31.31 -0.33 26.36
C ALA C 33 30.02 0.42 26.67
N ALA C 34 29.47 0.25 27.87
CA ALA C 34 28.29 1.02 28.27
C ALA C 34 28.62 2.51 28.32
N ALA C 35 29.80 2.86 28.84
CA ALA C 35 30.21 4.25 28.84
C ALA C 35 30.41 4.78 27.43
N ASP C 36 30.86 3.92 26.51
CA ASP C 36 30.97 4.33 25.12
C ASP C 36 29.60 4.65 24.54
N LEU C 37 28.59 3.82 24.82
CA LEU C 37 27.24 4.10 24.33
C LEU C 37 26.69 5.37 24.95
N MET C 38 26.89 5.56 26.25
CA MET C 38 26.47 6.79 26.91
C MET C 38 27.11 8.00 26.27
N ALA C 39 28.42 7.93 26.02
CA ALA C 39 29.13 9.06 25.43
C ALA C 39 28.62 9.39 24.04
N TYR C 40 28.42 8.36 23.20
CA TYR C 40 27.94 8.63 21.85
C TYR C 40 26.53 9.19 21.86
N CYS C 41 25.67 8.70 22.75
CA CYS C 41 24.32 9.24 22.83
C CYS C 41 24.32 10.68 23.33
N GLU C 42 25.09 10.97 24.37
CA GLU C 42 25.04 12.29 24.99
C GLU C 42 25.70 13.34 24.11
N ALA C 43 26.78 12.98 23.41
CA ALA C 43 27.50 13.94 22.60
C ALA C 43 26.72 14.38 21.36
N HIS C 44 25.61 13.73 21.03
CA HIS C 44 24.81 14.08 19.86
C HIS C 44 23.40 14.47 20.22
N ALA C 45 23.08 14.63 21.50
CA ALA C 45 21.74 15.05 21.90
C ALA C 45 21.43 16.47 21.48
N LYS C 46 22.43 17.23 21.03
CA LYS C 46 22.20 18.56 20.49
C LYS C 46 22.04 18.55 18.97
N GLU C 47 22.10 17.40 18.33
CA GLU C 47 21.98 17.30 16.87
C GLU C 47 21.09 16.13 16.48
N ASP C 48 19.95 15.98 17.14
CA ASP C 48 18.99 14.93 16.81
C ASP C 48 17.60 15.54 16.79
N PRO C 49 16.84 15.38 15.70
CA PRO C 49 15.58 16.13 15.56
C PRO C 49 14.38 15.53 16.27
N LEU C 50 14.46 14.31 16.77
CA LEU C 50 13.31 13.68 17.40
C LEU C 50 13.37 13.69 18.92
N LEU C 51 14.56 13.67 19.51
CA LEU C 51 14.67 13.66 20.97
C LEU C 51 14.19 14.98 21.56
N THR C 52 14.56 16.08 20.95
CA THR C 52 14.08 17.40 21.32
C THR C 52 13.17 17.95 20.23
N PRO C 53 12.16 18.75 20.56
CA PRO C 53 11.23 19.24 19.54
C PRO C 53 11.96 19.99 18.44
N VAL C 54 11.65 19.64 17.21
CA VAL C 54 12.33 20.21 16.04
C VAL C 54 11.81 21.62 15.80
N PRO C 55 12.68 22.55 15.39
CA PRO C 55 12.20 23.90 15.06
C PRO C 55 11.39 23.89 13.77
N ALA C 56 10.44 24.82 13.69
CA ALA C 56 9.60 24.93 12.49
C ALA C 56 10.40 25.36 11.27
N SER C 57 11.59 25.93 11.44
CA SER C 57 12.39 26.35 10.30
C SER C 57 13.07 25.17 9.62
N GLU C 58 13.49 24.16 10.37
CA GLU C 58 14.23 23.02 9.84
C GLU C 58 13.35 21.80 9.63
N ASN C 59 12.03 21.95 9.73
CA ASN C 59 11.12 20.83 9.57
C ASN C 59 10.48 20.91 8.19
N PRO C 60 10.85 20.04 7.24
CA PRO C 60 10.20 20.07 5.93
C PRO C 60 8.81 19.48 5.94
N PHE C 61 8.45 18.72 6.97
CA PHE C 61 7.14 18.11 7.05
C PHE C 61 6.20 18.95 7.92
N VAL D 2 17.69 7.12 -28.94
CA VAL D 2 16.53 8.00 -29.02
C VAL D 2 16.63 8.90 -30.24
N GLN D 3 15.51 9.11 -30.92
CA GLN D 3 15.52 9.86 -32.16
C GLN D 3 14.17 10.54 -32.36
N LEU D 4 14.17 11.87 -32.36
CA LEU D 4 13.02 12.69 -32.75
C LEU D 4 13.28 13.23 -34.14
N VAL D 5 12.47 12.82 -35.11
CA VAL D 5 12.62 13.23 -36.50
C VAL D 5 11.37 14.00 -36.90
N GLU D 6 11.56 15.23 -37.37
CA GLU D 6 10.46 16.11 -37.73
C GLU D 6 10.36 16.23 -39.25
N SER D 7 9.16 16.04 -39.77
CA SER D 7 8.88 16.18 -41.19
C SER D 7 7.74 17.16 -41.37
N GLY D 8 7.73 17.82 -42.52
CA GLY D 8 6.79 18.90 -42.77
C GLY D 8 7.49 20.24 -42.85
N GLY D 9 6.75 21.23 -43.33
CA GLY D 9 7.31 22.55 -43.49
C GLY D 9 8.10 22.70 -44.77
N GLY D 10 7.83 23.78 -45.49
CA GLY D 10 8.48 24.06 -46.76
C GLY D 10 8.27 25.50 -47.16
N LEU D 11 7.95 25.75 -48.42
CA LEU D 11 7.67 27.09 -48.91
C LEU D 11 6.16 27.29 -48.95
N VAL D 12 5.67 28.24 -48.16
CA VAL D 12 4.23 28.44 -47.98
C VAL D 12 3.90 29.91 -48.18
N GLN D 13 2.80 30.17 -48.90
CA GLN D 13 2.31 31.52 -49.07
C GLN D 13 1.72 32.05 -47.77
N PRO D 14 1.69 33.37 -47.60
CA PRO D 14 1.15 33.93 -46.35
C PRO D 14 -0.32 33.63 -46.18
N GLY D 15 -0.74 33.53 -44.92
CA GLY D 15 -2.12 33.24 -44.60
C GLY D 15 -2.53 31.79 -44.75
N GLY D 16 -1.59 30.90 -45.09
CA GLY D 16 -1.92 29.52 -45.34
C GLY D 16 -1.92 28.67 -44.08
N SER D 17 -1.89 27.35 -44.30
CA SER D 17 -1.91 26.39 -43.22
C SER D 17 -0.99 25.23 -43.58
N ARG D 18 -0.36 24.66 -42.55
CA ARG D 18 0.50 23.50 -42.72
C ARG D 18 0.34 22.59 -41.53
N LYS D 19 1.05 21.46 -41.56
CA LYS D 19 1.06 20.52 -40.46
C LYS D 19 2.49 20.09 -40.19
N LEU D 20 2.91 20.17 -38.93
CA LEU D 20 4.24 19.77 -38.51
C LEU D 20 4.16 18.44 -37.77
N SER D 21 5.07 17.53 -38.11
CA SER D 21 5.13 16.21 -37.51
C SER D 21 6.41 16.05 -36.70
N CYS D 22 6.35 15.20 -35.68
CA CYS D 22 7.50 14.90 -34.82
C CYS D 22 7.41 13.41 -34.49
N SER D 23 8.06 12.60 -35.31
CA SER D 23 8.06 11.15 -35.12
C SER D 23 9.06 10.77 -34.05
N ALA D 24 8.64 9.89 -33.15
CA ALA D 24 9.48 9.46 -32.04
C ALA D 24 9.85 7.99 -32.21
N SER D 25 11.01 7.63 -31.70
CA SER D 25 11.48 6.25 -31.80
C SER D 25 12.48 6.00 -30.68
N GLY D 26 12.06 5.23 -29.68
CA GLY D 26 13.01 4.77 -28.69
C GLY D 26 12.71 5.12 -27.24
N PHE D 27 11.48 5.52 -26.93
CA PHE D 27 11.16 5.82 -25.54
C PHE D 27 9.65 5.82 -25.34
N ALA D 28 9.26 5.91 -24.07
CA ALA D 28 7.86 5.94 -23.67
C ALA D 28 7.25 7.29 -24.00
N PHE D 29 6.74 7.44 -25.22
CA PHE D 29 6.28 8.73 -25.70
C PHE D 29 5.16 9.29 -24.85
N SER D 30 4.23 8.44 -24.42
CA SER D 30 3.07 8.93 -23.67
C SER D 30 3.45 9.48 -22.30
N SER D 31 4.66 9.18 -21.82
CA SER D 31 5.09 9.64 -20.50
C SER D 31 5.91 10.92 -20.56
N PHE D 32 5.98 11.56 -21.73
CA PHE D 32 6.85 12.70 -21.95
C PHE D 32 6.05 13.91 -22.37
N GLY D 33 6.35 15.05 -21.76
CA GLY D 33 5.83 16.30 -22.24
C GLY D 33 6.70 16.85 -23.35
N MET D 34 6.07 17.32 -24.41
CA MET D 34 6.75 17.64 -25.65
C MET D 34 6.51 19.10 -26.03
N HIS D 35 7.58 19.87 -26.14
CA HIS D 35 7.54 21.29 -26.45
C HIS D 35 7.82 21.53 -27.91
N TRP D 36 7.57 22.76 -28.34
CA TRP D 36 7.96 23.25 -29.65
C TRP D 36 8.67 24.58 -29.47
N VAL D 37 9.87 24.68 -30.03
CA VAL D 37 10.72 25.85 -29.89
C VAL D 37 11.21 26.25 -31.27
N ARG D 38 11.04 27.52 -31.62
CA ARG D 38 11.44 28.02 -32.93
C ARG D 38 12.60 29.00 -32.81
N GLN D 39 13.46 28.98 -33.81
CA GLN D 39 14.60 29.89 -33.91
C GLN D 39 14.48 30.65 -35.22
N ALA D 40 14.34 31.97 -35.11
CA ALA D 40 14.23 32.80 -36.30
C ALA D 40 15.52 32.71 -37.10
N PRO D 41 15.47 32.96 -38.41
CA PRO D 41 16.69 32.83 -39.22
C PRO D 41 17.82 33.72 -38.77
N GLU D 42 17.53 34.82 -38.06
CA GLU D 42 18.55 35.70 -37.53
C GLU D 42 18.55 35.82 -36.02
N LYS D 43 17.43 35.56 -35.35
CA LYS D 43 17.33 35.72 -33.92
C LYS D 43 17.68 34.42 -33.21
N GLY D 44 17.36 34.33 -31.93
CA GLY D 44 17.63 33.17 -31.08
C GLY D 44 16.41 32.30 -30.89
N LEU D 45 16.25 31.79 -29.67
CA LEU D 45 15.28 30.75 -29.38
C LEU D 45 14.05 31.32 -28.70
N GLU D 46 12.88 30.93 -29.19
CA GLU D 46 11.60 31.41 -28.68
C GLU D 46 10.66 30.24 -28.51
N TRP D 47 10.00 30.17 -27.36
CA TRP D 47 9.08 29.09 -27.05
C TRP D 47 7.77 29.28 -27.79
N VAL D 48 7.15 28.17 -28.23
CA VAL D 48 5.91 28.25 -29.00
C VAL D 48 4.75 27.58 -28.28
N ALA D 49 4.83 26.28 -28.07
CA ALA D 49 3.71 25.53 -27.51
C ALA D 49 4.22 24.47 -26.55
N TYR D 50 3.28 23.80 -25.88
CA TYR D 50 3.60 22.71 -24.96
C TYR D 50 2.38 21.81 -24.81
N ILE D 51 2.60 20.50 -24.94
CA ILE D 51 1.55 19.51 -24.73
C ILE D 51 2.07 18.48 -23.73
N SER D 52 1.27 18.19 -22.71
CA SER D 52 1.73 17.40 -21.59
C SER D 52 1.61 15.91 -21.85
N SER D 53 2.00 15.12 -20.86
CA SER D 53 1.73 13.70 -20.89
C SER D 53 0.24 13.46 -20.71
N GLY D 54 -0.34 12.64 -21.58
CA GLY D 54 -1.75 12.40 -21.55
C GLY D 54 -2.61 13.47 -22.17
N SER D 55 -2.00 14.41 -22.90
CA SER D 55 -2.71 15.52 -23.53
C SER D 55 -3.53 16.30 -22.50
N GLY D 56 -2.96 16.48 -21.31
CA GLY D 56 -3.66 17.12 -20.22
C GLY D 56 -3.61 18.63 -20.21
N THR D 57 -2.41 19.19 -20.13
CA THR D 57 -2.23 20.64 -20.08
C THR D 57 -1.58 21.14 -21.36
N ILE D 58 -2.10 22.24 -21.86
CA ILE D 58 -1.65 22.85 -23.11
C ILE D 58 -1.35 24.31 -22.85
N TYR D 59 -0.18 24.76 -23.27
CA TYR D 59 0.25 26.14 -23.11
C TYR D 59 0.73 26.69 -24.44
N TYR D 60 0.37 27.94 -24.72
CA TYR D 60 0.81 28.60 -25.94
C TYR D 60 1.46 29.93 -25.59
N ALA D 61 2.30 30.41 -26.49
CA ALA D 61 2.85 31.74 -26.32
C ALA D 61 1.78 32.77 -26.66
N ASP D 62 1.97 33.99 -26.15
CA ASP D 62 1.02 35.05 -26.42
C ASP D 62 0.96 35.43 -27.89
N THR D 63 2.01 35.12 -28.66
CA THR D 63 2.07 35.50 -30.06
C THR D 63 1.54 34.44 -31.01
N VAL D 64 1.17 33.25 -30.51
CA VAL D 64 0.64 32.20 -31.36
C VAL D 64 -0.63 31.61 -30.77
N LYS D 65 -1.32 32.38 -29.94
CA LYS D 65 -2.57 31.92 -29.36
C LYS D 65 -3.71 32.21 -30.34
N GLY D 66 -4.51 31.19 -30.61
CA GLY D 66 -5.57 31.29 -31.60
C GLY D 66 -5.13 31.05 -33.02
N ARG D 67 -3.86 30.75 -33.24
CA ARG D 67 -3.35 30.48 -34.57
C ARG D 67 -2.66 29.13 -34.70
N PHE D 68 -2.24 28.53 -33.58
CA PHE D 68 -1.55 27.25 -33.59
C PHE D 68 -2.36 26.25 -32.78
N THR D 69 -2.25 24.98 -33.17
CA THR D 69 -2.88 23.87 -32.46
C THR D 69 -1.85 22.78 -32.26
N ILE D 70 -1.77 22.24 -31.05
CA ILE D 70 -0.81 21.19 -30.72
C ILE D 70 -1.58 19.96 -30.25
N SER D 71 -1.22 18.81 -30.80
CA SER D 71 -1.92 17.58 -30.50
C SER D 71 -0.98 16.42 -30.77
N ARG D 72 -1.09 15.37 -29.97
CA ARG D 72 -0.20 14.22 -30.06
C ARG D 72 -1.01 12.96 -30.33
N ASP D 73 -0.37 12.01 -31.01
CA ASP D 73 -0.97 10.73 -31.34
C ASP D 73 -0.20 9.66 -30.58
N ASP D 74 -0.66 9.34 -29.38
CA ASP D 74 0.03 8.34 -28.56
C ASP D 74 0.16 6.98 -29.24
N PRO D 75 -0.86 6.44 -29.93
CA PRO D 75 -0.65 5.16 -30.63
C PRO D 75 0.47 5.19 -31.66
N LYS D 76 0.39 6.11 -32.63
CA LYS D 76 1.39 6.18 -33.68
C LYS D 76 2.63 6.96 -33.28
N ASN D 77 2.67 7.52 -32.07
CA ASN D 77 3.84 8.23 -31.54
C ASN D 77 4.23 9.41 -32.43
N THR D 78 3.34 10.39 -32.52
CA THR D 78 3.57 11.55 -33.36
C THR D 78 3.04 12.80 -32.67
N LEU D 79 3.80 13.89 -32.80
CA LEU D 79 3.40 15.22 -32.33
C LEU D 79 3.00 16.08 -33.52
N PHE D 80 1.93 16.84 -33.38
CA PHE D 80 1.42 17.68 -34.45
C PHE D 80 1.32 19.12 -34.00
N LEU D 81 1.74 20.04 -34.86
CA LEU D 81 1.54 21.47 -34.68
C LEU D 81 0.81 22.00 -35.90
N GLN D 82 -0.31 22.69 -35.68
CA GLN D 82 -1.17 23.13 -36.75
C GLN D 82 -1.02 24.64 -36.93
N MET D 83 -0.93 25.07 -38.18
CA MET D 83 -0.70 26.47 -38.51
C MET D 83 -2.00 27.05 -39.06
N THR D 84 -2.39 28.21 -38.53
CA THR D 84 -3.57 28.91 -39.03
C THR D 84 -3.28 30.39 -39.11
N SER D 85 -3.66 31.01 -40.22
CA SER D 85 -3.43 32.44 -40.46
C SER D 85 -1.94 32.79 -40.33
N LEU D 86 -1.14 32.13 -41.16
CA LEU D 86 0.29 32.30 -41.12
C LEU D 86 0.69 33.71 -41.54
N ARG D 87 1.77 34.21 -40.95
CA ARG D 87 2.28 35.53 -41.21
C ARG D 87 3.79 35.45 -41.40
N SER D 88 4.37 36.55 -41.87
CA SER D 88 5.79 36.58 -42.22
C SER D 88 6.71 36.47 -41.00
N GLU D 89 6.18 36.59 -39.79
CA GLU D 89 6.98 36.49 -38.58
C GLU D 89 7.11 35.07 -38.07
N ASP D 90 6.59 34.09 -38.81
CA ASP D 90 6.63 32.69 -38.40
C ASP D 90 7.67 31.88 -39.17
N THR D 91 8.57 32.54 -39.89
CA THR D 91 9.67 31.84 -40.55
C THR D 91 10.74 31.50 -39.52
N ALA D 92 11.05 30.22 -39.38
CA ALA D 92 11.97 29.77 -38.35
C ALA D 92 12.39 28.33 -38.67
N MET D 93 13.18 27.75 -37.78
CA MET D 93 13.46 26.33 -37.75
C MET D 93 12.83 25.76 -36.50
N TYR D 94 11.91 24.81 -36.67
CA TYR D 94 11.08 24.37 -35.56
C TYR D 94 11.66 23.14 -34.90
N TYR D 95 11.82 23.18 -33.59
CA TYR D 95 12.45 22.13 -32.82
C TYR D 95 11.43 21.44 -31.93
N CYS D 96 11.56 20.13 -31.81
CA CYS D 96 10.70 19.29 -31.00
C CYS D 96 11.51 18.78 -29.83
N VAL D 97 11.05 19.07 -28.62
CA VAL D 97 11.81 18.81 -27.41
C VAL D 97 10.97 17.92 -26.50
N ARG D 98 11.62 17.01 -25.81
CA ARG D 98 10.95 16.19 -24.82
C ARG D 98 11.41 16.57 -23.42
N SER D 99 10.49 16.49 -22.47
CA SER D 99 10.80 16.86 -21.11
C SER D 99 9.96 16.02 -20.16
N ILE D 100 10.59 15.46 -19.14
CA ILE D 100 9.92 14.72 -18.09
C ILE D 100 10.11 15.47 -16.78
N TYR D 101 9.09 15.43 -15.93
CA TYR D 101 9.04 16.25 -14.72
C TYR D 101 8.81 15.37 -13.51
N TYR D 102 9.80 15.28 -12.63
CA TYR D 102 9.68 14.66 -11.31
C TYR D 102 10.95 15.02 -10.55
N TYR D 103 11.02 14.55 -9.30
CA TYR D 103 12.22 14.70 -8.51
C TYR D 103 13.41 14.01 -9.18
N GLY D 104 14.43 14.79 -9.50
CA GLY D 104 15.61 14.26 -10.14
C GLY D 104 15.58 14.34 -11.65
N SER D 105 14.52 14.89 -12.23
CA SER D 105 14.38 14.93 -13.66
C SER D 105 15.33 15.93 -14.28
N SER D 106 15.51 15.78 -15.58
CA SER D 106 16.36 16.66 -16.38
C SER D 106 15.56 17.10 -17.60
N PRO D 107 14.60 18.00 -17.42
CA PRO D 107 13.79 18.44 -18.56
C PRO D 107 14.64 19.09 -19.63
N PHE D 108 14.16 18.98 -20.87
CA PHE D 108 14.87 19.46 -22.06
C PHE D 108 16.14 18.68 -22.30
N ASP D 109 16.07 17.35 -22.16
CA ASP D 109 17.22 16.50 -22.47
C ASP D 109 17.45 16.43 -23.97
N PHE D 110 16.49 15.90 -24.71
CA PHE D 110 16.68 15.62 -26.13
C PHE D 110 15.88 16.60 -26.97
N TRP D 111 16.56 17.20 -27.94
CA TRP D 111 15.95 18.05 -28.94
C TRP D 111 16.06 17.37 -30.29
N GLY D 112 15.00 17.49 -31.09
CA GLY D 112 15.01 16.94 -32.42
C GLY D 112 15.71 17.87 -33.39
N GLN D 113 15.67 17.47 -34.66
CA GLN D 113 16.18 18.30 -35.74
C GLN D 113 15.14 19.37 -36.04
N GLY D 114 15.28 20.05 -37.18
CA GLY D 114 14.38 21.13 -37.47
C GLY D 114 13.66 21.02 -38.79
N THR D 115 12.55 21.73 -38.92
CA THR D 115 11.80 21.83 -40.16
C THR D 115 11.78 23.30 -40.55
N THR D 116 12.64 23.68 -41.49
CA THR D 116 12.70 25.05 -41.95
C THR D 116 11.38 25.47 -42.58
N LEU D 117 10.67 26.38 -41.94
CA LEU D 117 9.41 26.90 -42.46
C LEU D 117 9.64 28.33 -42.93
N THR D 118 9.20 28.63 -44.15
CA THR D 118 9.31 29.96 -44.73
C THR D 118 7.93 30.42 -45.17
N VAL D 119 7.54 31.62 -44.74
CA VAL D 119 6.28 32.23 -45.15
C VAL D 119 6.62 33.28 -46.19
N SER D 120 6.39 32.93 -47.46
CA SER D 120 6.75 33.81 -48.57
C SER D 120 5.87 35.04 -48.63
N SER D 136 3.83 40.64 -16.76
CA SER D 136 4.69 40.37 -17.91
C SER D 136 5.54 39.13 -17.67
N ASP D 137 6.33 38.75 -18.68
CA ASP D 137 7.17 37.57 -18.59
C ASP D 137 8.50 37.92 -17.92
N ILE D 138 9.27 36.88 -17.60
CA ILE D 138 10.58 37.06 -16.94
C ILE D 138 11.58 37.21 -18.07
N VAL D 139 11.72 38.43 -18.57
CA VAL D 139 12.67 38.69 -19.62
C VAL D 139 14.07 38.76 -19.03
N MET D 140 14.96 37.91 -19.52
CA MET D 140 16.33 37.86 -19.03
C MET D 140 17.30 37.89 -20.20
N THR D 141 18.33 38.72 -20.07
CA THR D 141 19.23 39.02 -21.17
C THR D 141 20.66 38.75 -20.75
N GLN D 142 21.39 38.01 -21.59
CA GLN D 142 22.81 37.78 -21.41
C GLN D 142 23.56 38.99 -21.94
N ALA D 143 24.19 39.74 -21.04
CA ALA D 143 24.86 40.98 -21.44
C ALA D 143 25.96 40.69 -22.45
N THR D 144 26.73 39.65 -22.22
CA THR D 144 27.81 39.27 -23.12
C THR D 144 27.19 38.63 -24.35
N SER D 145 26.98 39.44 -25.39
CA SER D 145 26.44 38.93 -26.65
C SER D 145 27.51 38.39 -27.59
N SER D 146 28.79 38.63 -27.30
CA SER D 146 29.87 38.15 -28.13
C SER D 146 31.15 38.14 -27.31
N VAL D 147 31.74 36.97 -27.13
CA VAL D 147 32.92 36.82 -26.28
C VAL D 147 33.97 36.01 -27.02
N PRO D 148 35.24 36.40 -26.97
CA PRO D 148 36.29 35.58 -27.57
C PRO D 148 36.73 34.46 -26.63
N VAL D 149 37.54 33.56 -27.18
CA VAL D 149 38.02 32.41 -26.41
C VAL D 149 39.30 31.91 -27.05
N THR D 150 40.19 31.37 -26.23
CA THR D 150 41.40 30.72 -26.68
C THR D 150 41.48 29.33 -26.08
N PRO D 151 41.93 28.33 -26.85
CA PRO D 151 41.94 26.96 -26.33
C PRO D 151 42.79 26.82 -25.09
N GLY D 152 42.33 26.00 -24.16
CA GLY D 152 43.02 25.80 -22.90
C GLY D 152 42.75 26.84 -21.84
N GLU D 153 41.85 27.78 -22.09
CA GLU D 153 41.55 28.86 -21.16
C GLU D 153 40.19 28.62 -20.53
N SER D 154 39.85 29.48 -19.57
CA SER D 154 38.60 29.41 -18.83
C SER D 154 37.75 30.63 -19.13
N VAL D 155 36.48 30.41 -19.46
CA VAL D 155 35.57 31.46 -19.86
C VAL D 155 34.32 31.40 -18.99
N SER D 156 33.80 32.56 -18.62
CA SER D 156 32.60 32.67 -17.81
C SER D 156 31.53 33.40 -18.60
N ILE D 157 30.33 32.82 -18.62
CA ILE D 157 29.16 33.44 -19.23
C ILE D 157 28.22 33.86 -18.10
N SER D 158 27.48 34.94 -18.31
CA SER D 158 26.64 35.50 -17.28
C SER D 158 25.23 35.70 -17.80
N CYS D 159 24.26 35.58 -16.89
CA CYS D 159 22.84 35.70 -17.24
C CYS D 159 22.14 36.34 -16.06
N ARG D 160 21.62 37.55 -16.24
CA ARG D 160 20.88 38.24 -15.21
C ARG D 160 19.39 38.23 -15.55
N SER D 161 18.57 38.06 -14.53
CA SER D 161 17.14 37.88 -14.67
C SER D 161 16.40 39.15 -14.29
N SER D 162 15.08 39.11 -14.44
CA SER D 162 14.21 40.20 -14.06
C SER D 162 13.66 40.01 -12.65
N LYS D 163 12.94 38.92 -12.44
CA LYS D 163 12.50 38.53 -11.12
C LYS D 163 13.30 37.32 -10.66
N SER D 164 13.36 37.14 -9.34
CA SER D 164 14.23 36.11 -8.78
C SER D 164 13.79 34.73 -9.23
N LEU D 165 14.78 33.90 -9.57
CA LEU D 165 14.54 32.54 -10.02
C LEU D 165 14.69 31.53 -8.90
N LEU D 166 14.89 32.01 -7.67
CA LEU D 166 14.92 31.15 -6.49
C LEU D 166 13.52 31.01 -5.94
N HIS D 167 12.97 29.81 -6.02
CA HIS D 167 11.64 29.56 -5.49
C HIS D 167 11.72 29.33 -3.99
N SER D 168 10.55 29.24 -3.37
CA SER D 168 10.49 29.01 -1.93
C SER D 168 10.98 27.63 -1.53
N ASN D 169 11.09 26.70 -2.47
CA ASN D 169 11.48 25.33 -2.17
C ASN D 169 12.97 25.08 -2.39
N GLY D 170 13.78 26.14 -2.42
CA GLY D 170 15.22 26.00 -2.52
C GLY D 170 15.74 25.66 -3.90
N ASN D 171 14.90 25.70 -4.92
CA ASN D 171 15.27 25.33 -6.27
C ASN D 171 15.37 26.58 -7.14
N THR D 172 16.47 26.70 -7.87
CA THR D 172 16.64 27.75 -8.86
C THR D 172 16.38 27.15 -10.22
N TYR D 173 15.28 27.54 -10.85
CA TYR D 173 14.86 26.98 -12.12
C TYR D 173 15.49 27.78 -13.27
N LEU D 174 16.78 27.57 -13.47
CA LEU D 174 17.49 28.15 -14.60
C LEU D 174 18.30 27.06 -15.31
N TYR D 175 18.26 27.09 -16.64
CA TYR D 175 18.81 26.04 -17.47
C TYR D 175 19.80 26.63 -18.46
N TRP D 176 20.85 25.87 -18.77
CA TRP D 176 21.88 26.30 -19.70
C TRP D 176 21.89 25.36 -20.89
N PHE D 177 21.89 25.93 -22.10
CA PHE D 177 21.87 25.17 -23.34
C PHE D 177 23.08 25.52 -24.19
N LEU D 178 23.31 24.71 -25.21
CA LEU D 178 24.46 24.90 -26.09
C LEU D 178 24.10 24.41 -27.48
N GLN D 179 24.26 25.27 -28.47
CA GLN D 179 24.01 24.93 -29.87
C GLN D 179 25.30 25.04 -30.65
N ARG D 180 25.84 23.90 -31.08
CA ARG D 180 27.01 23.89 -31.92
C ARG D 180 26.64 24.35 -33.33
N PRO D 181 27.63 24.79 -34.12
CA PRO D 181 27.32 25.29 -35.47
C PRO D 181 26.55 24.28 -36.30
N GLY D 182 25.32 24.63 -36.64
CA GLY D 182 24.51 23.80 -37.52
C GLY D 182 23.94 22.55 -36.89
N GLN D 183 23.64 22.57 -35.60
CA GLN D 183 23.10 21.41 -34.92
C GLN D 183 22.04 21.85 -33.92
N SER D 184 21.23 20.88 -33.51
CA SER D 184 20.23 21.12 -32.51
C SER D 184 20.88 21.29 -31.13
N PRO D 185 20.32 22.15 -30.29
CA PRO D 185 20.99 22.48 -29.02
C PRO D 185 20.94 21.34 -28.02
N GLN D 186 21.76 21.48 -26.98
CA GLN D 186 22.04 20.43 -26.03
C GLN D 186 22.06 20.99 -24.63
N LEU D 187 21.50 20.23 -23.68
CA LEU D 187 21.43 20.68 -22.30
C LEU D 187 22.77 20.51 -21.59
N LEU D 188 23.12 21.51 -20.79
CA LEU D 188 24.34 21.47 -19.99
C LEU D 188 24.07 21.46 -18.50
N ILE D 189 23.29 22.42 -18.00
CA ILE D 189 23.09 22.62 -16.58
C ILE D 189 21.59 22.74 -16.35
N TYR D 190 21.05 21.91 -15.48
CA TYR D 190 19.67 22.07 -15.06
C TYR D 190 19.62 22.40 -13.57
N ARG D 191 18.80 23.39 -13.24
CA ARG D 191 18.61 23.87 -11.87
C ARG D 191 19.89 24.48 -11.30
N MET D 192 20.64 25.16 -12.17
CA MET D 192 21.72 26.08 -11.84
C MET D 192 23.00 25.41 -11.36
N SER D 193 22.94 24.11 -11.07
CA SER D 193 24.12 23.45 -10.52
C SER D 193 24.37 22.05 -11.02
N ASN D 194 23.42 21.40 -11.69
CA ASN D 194 23.48 19.98 -11.96
C ASN D 194 23.88 19.74 -13.40
N LEU D 195 24.90 18.92 -13.60
CA LEU D 195 25.40 18.60 -14.93
C LEU D 195 24.57 17.48 -15.53
N ALA D 196 24.35 17.57 -16.84
CA ALA D 196 23.56 16.57 -17.53
C ALA D 196 24.43 15.38 -17.93
N SER D 197 23.78 14.27 -18.25
CA SER D 197 24.49 13.09 -18.68
C SER D 197 25.15 13.33 -20.03
N GLY D 198 26.40 12.90 -20.15
CA GLY D 198 27.16 13.09 -21.36
C GLY D 198 27.89 14.41 -21.46
N VAL D 199 27.72 15.30 -20.48
CA VAL D 199 28.45 16.57 -20.47
C VAL D 199 29.72 16.39 -19.66
N PRO D 200 30.88 16.79 -20.17
CA PRO D 200 32.11 16.68 -19.39
C PRO D 200 32.04 17.51 -18.11
N ASP D 201 32.75 17.06 -17.09
CA ASP D 201 32.69 17.68 -15.77
C ASP D 201 33.25 19.09 -15.76
N ARG D 202 33.95 19.51 -16.81
CA ARG D 202 34.58 20.83 -16.82
C ARG D 202 33.57 21.97 -16.85
N PHE D 203 32.30 21.70 -17.14
CA PHE D 203 31.27 22.72 -17.07
C PHE D 203 30.76 22.80 -15.64
N SER D 204 30.75 24.02 -15.09
CA SER D 204 30.28 24.25 -13.74
C SER D 204 29.36 25.46 -13.74
N GLY D 205 28.40 25.45 -12.84
CA GLY D 205 27.41 26.51 -12.78
C GLY D 205 27.26 27.05 -11.38
N SER D 206 27.09 28.36 -11.28
CA SER D 206 26.92 29.03 -10.02
C SER D 206 25.87 30.12 -10.17
N GLY D 207 25.62 30.84 -9.10
CA GLY D 207 24.74 31.99 -9.17
C GLY D 207 23.73 32.08 -8.04
N SER D 208 23.29 33.30 -7.76
CA SER D 208 22.23 33.58 -6.82
C SER D 208 20.97 33.96 -7.59
N GLY D 209 19.95 34.40 -6.88
CA GLY D 209 18.80 34.97 -7.54
C GLY D 209 19.16 36.18 -8.38
N THR D 210 18.72 36.19 -9.64
CA THR D 210 18.96 37.28 -10.57
C THR D 210 20.44 37.53 -10.83
N ALA D 211 21.28 36.50 -10.72
CA ALA D 211 22.68 36.61 -11.10
C ALA D 211 23.23 35.20 -11.26
N PHE D 212 23.66 34.85 -12.47
CA PHE D 212 24.10 33.50 -12.76
C PHE D 212 25.35 33.52 -13.62
N THR D 213 26.18 32.51 -13.44
CA THR D 213 27.42 32.38 -14.21
C THR D 213 27.58 30.93 -14.65
N LEU D 214 28.06 30.73 -15.86
CA LEU D 214 28.41 29.41 -16.37
C LEU D 214 29.90 29.39 -16.60
N THR D 215 30.63 28.71 -15.71
CA THR D 215 32.08 28.67 -15.77
C THR D 215 32.51 27.42 -16.53
N ILE D 216 33.29 27.62 -17.58
CA ILE D 216 33.97 26.54 -18.28
C ILE D 216 35.41 26.51 -17.78
N SER D 217 35.94 25.30 -17.62
CA SER D 217 37.35 25.10 -17.31
C SER D 217 38.03 24.43 -18.49
N ARG D 218 39.15 24.99 -18.93
CA ARG D 218 39.92 24.44 -20.05
C ARG D 218 39.05 24.34 -21.31
N LEU D 219 38.65 25.51 -21.81
CA LEU D 219 37.74 25.59 -22.95
C LEU D 219 38.44 25.06 -24.19
N GLU D 220 38.12 23.83 -24.57
CA GLU D 220 38.72 23.17 -25.71
C GLU D 220 37.75 23.20 -26.89
N ALA D 221 38.18 22.62 -28.00
CA ALA D 221 37.34 22.55 -29.18
C ALA D 221 36.12 21.68 -28.90
N GLU D 222 35.16 21.73 -29.83
CA GLU D 222 33.86 21.05 -29.71
C GLU D 222 33.06 21.56 -28.51
N ASP D 223 33.43 22.71 -27.97
CA ASP D 223 32.68 23.36 -26.90
C ASP D 223 32.32 24.79 -27.27
N VAL D 224 32.51 25.17 -28.51
CA VAL D 224 32.21 26.51 -28.99
C VAL D 224 30.81 26.52 -29.58
N GLY D 225 30.13 27.63 -29.42
CA GLY D 225 28.76 27.75 -29.87
C GLY D 225 28.07 28.88 -29.14
N VAL D 226 26.76 28.75 -29.01
CA VAL D 226 25.93 29.79 -28.43
C VAL D 226 25.23 29.21 -27.22
N TYR D 227 25.37 29.89 -26.08
CA TYR D 227 24.92 29.38 -24.80
C TYR D 227 23.67 30.14 -24.37
N TYR D 228 22.61 29.40 -24.07
CA TYR D 228 21.31 29.97 -23.77
C TYR D 228 20.92 29.69 -22.33
N CYS D 229 20.41 30.72 -21.67
CA CYS D 229 19.87 30.60 -20.32
C CYS D 229 18.38 30.80 -20.40
N MET D 230 17.62 29.78 -20.00
CA MET D 230 16.18 29.90 -19.93
C MET D 230 15.70 29.69 -18.50
N GLN D 231 14.48 30.14 -18.25
CA GLN D 231 13.82 30.01 -16.97
C GLN D 231 12.68 29.01 -17.08
N HIS D 232 12.48 28.23 -16.03
CA HIS D 232 11.35 27.33 -15.96
C HIS D 232 10.48 27.62 -14.75
N LEU D 233 10.46 28.87 -14.30
CA LEU D 233 9.51 29.26 -13.26
C LEU D 233 8.09 29.27 -13.78
N GLU D 234 7.80 30.15 -14.74
CA GLU D 234 6.45 30.43 -15.16
C GLU D 234 6.38 30.47 -16.67
N TYR D 235 5.21 30.14 -17.19
CA TYR D 235 5.02 30.20 -18.63
C TYR D 235 4.61 31.61 -19.05
N PRO D 236 5.12 32.12 -20.18
CA PRO D 236 5.98 31.52 -21.19
C PRO D 236 7.43 31.36 -20.79
N LEU D 237 8.06 30.28 -21.23
CA LEU D 237 9.48 30.09 -21.03
C LEU D 237 10.25 31.09 -21.89
N THR D 238 11.24 31.74 -21.30
CA THR D 238 11.96 32.83 -21.95
C THR D 238 13.44 32.50 -22.01
N PHE D 239 14.03 32.68 -23.17
CA PHE D 239 15.45 32.46 -23.38
C PHE D 239 16.20 33.78 -23.36
N GLY D 240 17.49 33.74 -23.68
CA GLY D 240 18.28 34.92 -23.92
C GLY D 240 18.85 34.91 -25.33
N ALA D 241 19.52 36.01 -25.67
CA ALA D 241 20.05 36.18 -27.02
C ALA D 241 21.24 35.28 -27.30
N GLY D 242 21.81 34.66 -26.28
CA GLY D 242 22.92 33.75 -26.49
C GLY D 242 24.27 34.43 -26.29
N THR D 243 25.32 33.62 -26.44
CA THR D 243 26.68 34.10 -26.25
C THR D 243 27.60 33.27 -27.13
N LYS D 244 28.01 33.86 -28.26
CA LYS D 244 28.97 33.20 -29.14
C LYS D 244 30.29 33.00 -28.41
N LEU D 245 30.93 31.87 -28.65
CA LEU D 245 32.33 31.67 -28.28
C LEU D 245 33.10 31.35 -29.55
N GLU D 246 33.78 32.35 -30.09
CA GLU D 246 34.63 32.19 -31.26
C GLU D 246 36.06 31.90 -30.79
N LEU D 247 37.02 32.04 -31.69
CA LEU D 247 38.42 31.82 -31.34
C LEU D 247 39.13 33.16 -31.10
N GLN E 176 -51.44 18.40 27.34
CA GLN E 176 -52.06 17.59 26.30
C GLN E 176 -51.08 17.35 25.16
N THR E 177 -50.23 18.33 24.90
CA THR E 177 -49.24 18.24 23.84
C THR E 177 -47.81 18.46 24.33
N LEU E 178 -47.62 19.26 25.37
CA LEU E 178 -46.27 19.56 25.82
C LEU E 178 -45.52 18.29 26.21
N SER E 179 -46.23 17.31 26.75
CA SER E 179 -45.56 16.10 27.21
C SER E 179 -44.97 15.32 26.04
N PHE E 180 -45.78 15.08 25.02
CA PHE E 180 -45.28 14.42 23.82
C PHE E 180 -44.18 15.23 23.18
N THR E 181 -44.34 16.56 23.17
CA THR E 181 -43.30 17.41 22.59
C THR E 181 -41.97 17.19 23.29
N VAL E 182 -41.99 17.18 24.62
CA VAL E 182 -40.76 17.03 25.38
C VAL E 182 -40.15 15.66 25.17
N LEU E 183 -40.98 14.62 25.19
CA LEU E 183 -40.46 13.27 24.99
C LEU E 183 -39.80 13.14 23.62
N THR E 184 -40.45 13.66 22.60
CA THR E 184 -39.85 13.65 21.27
C THR E 184 -38.54 14.41 21.27
N CYS E 185 -38.51 15.58 21.93
CA CYS E 185 -37.30 16.39 21.93
C CYS E 185 -36.14 15.65 22.58
N ILE E 186 -36.39 14.98 23.71
CA ILE E 186 -35.31 14.30 24.42
C ILE E 186 -34.80 13.11 23.61
N ILE E 187 -35.73 12.29 23.10
CA ILE E 187 -35.33 11.15 22.30
C ILE E 187 -34.57 11.62 21.06
N SER E 188 -35.00 12.73 20.48
CA SER E 188 -34.33 13.28 19.32
C SER E 188 -32.94 13.76 19.65
N LEU E 189 -32.76 14.35 20.83
CA LEU E 189 -31.41 14.75 21.23
C LEU E 189 -30.50 13.55 21.30
N VAL E 190 -30.98 12.47 21.94
CA VAL E 190 -30.17 11.26 22.03
C VAL E 190 -29.87 10.72 20.64
N GLY E 191 -30.87 10.68 19.77
CA GLY E 191 -30.68 10.14 18.44
C GLY E 191 -29.73 10.98 17.60
N LEU E 192 -29.81 12.30 17.74
CA LEU E 192 -28.87 13.18 17.07
C LEU E 192 -27.46 12.89 17.53
N THR E 193 -27.27 12.68 18.84
CA THR E 193 -25.95 12.36 19.36
C THR E 193 -25.41 11.06 18.75
N GLY E 194 -26.25 10.02 18.74
CA GLY E 194 -25.82 8.76 18.15
C GLY E 194 -25.50 8.88 16.67
N ASN E 195 -26.35 9.57 15.92
CA ASN E 195 -26.13 9.73 14.50
C ASN E 195 -24.86 10.54 14.23
N ALA E 196 -24.59 11.54 15.06
CA ALA E 196 -23.36 12.31 14.90
C ALA E 196 -22.14 11.43 15.17
N VAL E 197 -22.24 10.56 16.17
CA VAL E 197 -21.13 9.64 16.42
C VAL E 197 -20.89 8.76 15.21
N VAL E 198 -21.97 8.24 14.63
CA VAL E 198 -21.84 7.41 13.44
C VAL E 198 -21.23 8.20 12.30
N LEU E 199 -21.60 9.47 12.17
CA LEU E 199 -21.04 10.30 11.11
C LEU E 199 -19.55 10.47 11.28
N TRP E 200 -19.10 10.73 12.52
CA TRP E 200 -17.68 10.88 12.76
C TRP E 200 -16.93 9.59 12.47
N LEU E 201 -17.47 8.46 12.91
CA LEU E 201 -16.80 7.18 12.70
C LEU E 201 -16.68 6.87 11.23
N LEU E 202 -17.77 6.99 10.48
CA LEU E 202 -17.72 6.69 9.06
C LEU E 202 -17.01 7.77 8.26
N GLY E 203 -16.73 8.92 8.85
CA GLY E 203 -15.98 9.94 8.15
C GLY E 203 -14.48 9.81 8.34
N TYR E 204 -14.05 9.44 9.53
CA TYR E 204 -12.62 9.41 9.82
C TYR E 204 -12.11 8.05 10.25
N ARG E 205 -12.83 7.35 11.13
CA ARG E 205 -12.27 6.16 11.76
C ARG E 205 -12.21 4.98 10.81
N MET E 206 -13.24 4.80 9.97
CA MET E 206 -13.38 3.59 9.17
C MET E 206 -13.20 3.91 7.69
N ARG E 207 -13.03 2.85 6.91
CA ARG E 207 -12.88 2.94 5.47
C ARG E 207 -14.25 2.83 4.79
N ARG E 208 -14.24 2.64 3.48
CA ARG E 208 -15.47 2.60 2.69
C ARG E 208 -15.74 1.17 2.23
N ASN E 209 -16.91 0.65 2.56
CA ASN E 209 -17.40 -0.63 2.08
C ASN E 209 -18.40 -0.38 0.96
N ALA E 210 -19.13 -1.42 0.56
CA ALA E 210 -20.25 -1.23 -0.35
C ALA E 210 -21.53 -0.87 0.37
N VAL E 211 -21.54 -0.95 1.69
CA VAL E 211 -22.70 -0.60 2.49
C VAL E 211 -22.45 0.62 3.37
N SER E 212 -21.20 0.96 3.65
CA SER E 212 -20.89 2.06 4.54
C SER E 212 -21.38 3.40 3.99
N ILE E 213 -21.30 3.59 2.67
CA ILE E 213 -21.77 4.85 2.09
C ILE E 213 -23.25 5.04 2.34
N TYR E 214 -24.04 3.99 2.11
CA TYR E 214 -25.47 4.10 2.38
C TYR E 214 -25.74 4.40 3.85
N ILE E 215 -25.01 3.77 4.75
CA ILE E 215 -25.24 4.00 6.17
C ILE E 215 -24.86 5.42 6.55
N LEU E 216 -23.78 5.93 5.95
CA LEU E 216 -23.39 7.32 6.18
C LEU E 216 -24.46 8.27 5.69
N ASN E 217 -25.05 7.99 4.54
CA ASN E 217 -26.13 8.83 4.02
C ASN E 217 -27.37 8.76 4.90
N LEU E 218 -27.71 7.57 5.37
CA LEU E 218 -28.85 7.44 6.26
C LEU E 218 -28.62 8.18 7.57
N ALA E 219 -27.41 8.08 8.12
CA ALA E 219 -27.08 8.83 9.34
C ALA E 219 -27.12 10.33 9.10
N ALA E 220 -26.65 10.80 7.94
CA ALA E 220 -26.71 12.22 7.64
C ALA E 220 -28.15 12.70 7.49
N ALA E 221 -28.99 11.92 6.81
CA ALA E 221 -30.40 12.25 6.72
C ALA E 221 -31.04 12.29 8.09
N ASP E 222 -30.65 11.37 8.97
CA ASP E 222 -31.18 11.39 10.32
C ASP E 222 -30.72 12.63 11.06
N PHE E 223 -29.47 13.05 10.83
CA PHE E 223 -28.98 14.28 11.45
C PHE E 223 -29.79 15.48 11.03
N LEU E 224 -30.09 15.59 9.74
CA LEU E 224 -30.87 16.74 9.25
C LEU E 224 -32.30 16.69 9.76
N PHE E 225 -32.92 15.50 9.72
CA PHE E 225 -34.29 15.37 10.21
C PHE E 225 -34.38 15.73 11.68
N LEU E 226 -33.44 15.23 12.49
CA LEU E 226 -33.54 15.51 13.92
C LEU E 226 -33.07 16.90 14.29
N SER E 227 -32.21 17.53 13.49
CA SER E 227 -31.92 18.94 13.71
C SER E 227 -33.17 19.78 13.46
N PHE E 228 -33.90 19.47 12.39
CA PHE E 228 -35.15 20.17 12.16
C PHE E 228 -36.15 19.88 13.28
N GLN E 229 -36.13 18.67 13.84
CA GLN E 229 -37.02 18.40 14.97
C GLN E 229 -36.60 19.20 16.19
N ILE E 230 -35.30 19.40 16.40
CA ILE E 230 -34.84 20.21 17.51
C ILE E 230 -35.35 21.63 17.37
N ILE E 231 -35.25 22.20 16.16
CA ILE E 231 -35.78 23.55 16.00
C ILE E 231 -37.29 23.57 16.00
N ARG E 232 -37.94 22.43 15.73
CA ARG E 232 -39.37 22.32 15.88
C ARG E 232 -39.79 22.43 17.33
N SER E 233 -39.05 21.78 18.21
CA SER E 233 -39.48 21.63 19.60
C SER E 233 -39.83 22.94 20.28
N PRO E 234 -39.01 23.97 20.22
CA PRO E 234 -39.32 25.18 20.99
C PRO E 234 -40.38 26.04 20.35
N LEU E 235 -40.39 26.09 19.02
CA LEU E 235 -41.29 26.99 18.31
C LEU E 235 -42.75 26.60 18.47
N ARG E 236 -43.04 25.38 18.92
CA ARG E 236 -44.43 24.95 19.03
C ARG E 236 -45.17 25.66 20.14
N LEU E 237 -44.58 25.72 21.34
CA LEU E 237 -45.21 26.46 22.43
C LEU E 237 -45.32 27.93 22.11
N ILE E 238 -44.29 28.51 21.49
CA ILE E 238 -44.24 29.91 21.14
C ILE E 238 -45.19 30.17 19.99
N ASN E 239 -45.98 31.23 20.10
CA ASN E 239 -46.94 31.60 19.05
C ASN E 239 -46.17 32.24 17.91
N ILE E 240 -45.95 31.48 16.85
CA ILE E 240 -45.27 31.96 15.66
C ILE E 240 -46.22 31.86 14.47
N SER E 241 -45.83 32.52 13.37
CA SER E 241 -46.66 32.54 12.18
C SER E 241 -46.88 31.13 11.64
N HIS E 242 -48.14 30.80 11.37
CA HIS E 242 -48.48 29.46 10.94
C HIS E 242 -47.96 29.16 9.55
N LEU E 243 -47.80 30.20 8.72
CA LEU E 243 -47.10 30.00 7.45
C LEU E 243 -45.67 29.55 7.69
N ILE E 244 -45.01 30.12 8.69
CA ILE E 244 -43.66 29.68 9.04
C ILE E 244 -43.67 28.23 9.48
N ARG E 245 -44.69 27.84 10.24
CA ARG E 245 -44.79 26.45 10.69
C ARG E 245 -44.95 25.51 9.51
N LYS E 246 -45.81 25.85 8.56
CA LYS E 246 -45.97 24.99 7.41
C LYS E 246 -44.68 24.92 6.59
N ILE E 247 -43.98 26.04 6.46
CA ILE E 247 -42.72 26.03 5.74
C ILE E 247 -41.74 25.08 6.41
N LEU E 248 -41.69 25.12 7.74
CA LEU E 248 -40.83 24.20 8.48
C LEU E 248 -41.25 22.75 8.24
N VAL E 249 -42.56 22.49 8.22
CA VAL E 249 -43.04 21.13 8.02
C VAL E 249 -42.60 20.60 6.67
N SER E 250 -42.67 21.44 5.64
CA SER E 250 -42.26 20.99 4.31
C SER E 250 -40.76 20.75 4.24
N VAL E 251 -39.97 21.71 4.72
CA VAL E 251 -38.54 21.55 4.56
C VAL E 251 -38.05 20.45 5.50
N MET E 252 -38.89 20.05 6.47
CA MET E 252 -38.60 18.92 7.32
C MET E 252 -38.98 17.59 6.69
N THR E 253 -40.07 17.54 5.93
CA THR E 253 -40.39 16.30 5.25
C THR E 253 -39.49 16.07 4.05
N PHE E 254 -38.66 17.04 3.70
CA PHE E 254 -37.68 16.76 2.66
C PHE E 254 -36.70 15.65 3.04
N PRO E 255 -35.98 15.69 4.17
CA PRO E 255 -34.99 14.63 4.45
C PRO E 255 -35.59 13.27 4.82
N TYR E 256 -36.84 13.22 5.28
CA TYR E 256 -37.48 11.96 5.61
C TYR E 256 -37.48 11.00 4.44
N PHE E 257 -37.68 11.52 3.24
CA PHE E 257 -37.78 10.63 2.08
C PHE E 257 -36.42 10.08 1.69
N THR E 258 -35.37 10.88 1.86
CA THR E 258 -34.03 10.35 1.73
C THR E 258 -33.81 9.22 2.73
N GLY E 259 -34.23 9.43 3.97
CA GLY E 259 -34.04 8.42 5.00
C GLY E 259 -34.69 7.09 4.68
N LEU E 260 -35.96 7.13 4.30
CA LEU E 260 -36.67 5.89 4.01
C LEU E 260 -36.17 5.25 2.73
N SER E 261 -35.89 6.04 1.70
CA SER E 261 -35.32 5.48 0.47
C SER E 261 -34.01 4.76 0.75
N MET E 262 -33.20 5.29 1.66
CA MET E 262 -31.93 4.64 1.94
C MET E 262 -32.10 3.42 2.83
N LEU E 263 -33.06 3.46 3.75
CA LEU E 263 -33.37 2.27 4.52
C LEU E 263 -33.83 1.13 3.62
N SER E 264 -34.38 1.47 2.46
CA SER E 264 -34.73 0.41 1.51
C SER E 264 -33.55 0.02 0.63
N ALA E 265 -32.72 0.98 0.25
CA ALA E 265 -31.57 0.67 -0.60
C ALA E 265 -30.58 -0.24 0.11
N ILE E 266 -30.36 -0.02 1.41
CA ILE E 266 -29.46 -0.89 2.15
C ILE E 266 -29.93 -2.33 2.12
N SER E 267 -31.21 -2.56 2.42
CA SER E 267 -31.73 -3.92 2.46
C SER E 267 -31.69 -4.56 1.09
N THR E 268 -32.02 -3.80 0.05
CA THR E 268 -31.97 -4.38 -1.30
C THR E 268 -30.54 -4.74 -1.71
N GLU E 269 -29.56 -3.87 -1.42
CA GLU E 269 -28.18 -4.19 -1.76
C GLU E 269 -27.67 -5.38 -0.95
N ARG E 270 -28.07 -5.48 0.31
CA ARG E 270 -27.69 -6.63 1.12
C ARG E 270 -28.30 -7.92 0.56
N CYS E 271 -29.55 -7.85 0.09
CA CYS E 271 -30.16 -9.00 -0.56
C CYS E 271 -29.40 -9.39 -1.82
N LEU E 272 -28.96 -8.41 -2.59
CA LEU E 272 -28.11 -8.71 -3.74
C LEU E 272 -26.82 -9.38 -3.30
N SER E 273 -26.24 -8.92 -2.19
CA SER E 273 -24.98 -9.47 -1.73
C SER E 273 -25.10 -10.89 -1.22
N VAL E 274 -26.29 -11.30 -0.78
CA VAL E 274 -26.47 -12.68 -0.36
C VAL E 274 -26.97 -13.57 -1.50
N LEU E 275 -27.68 -13.02 -2.48
CA LEU E 275 -28.09 -13.83 -3.63
C LEU E 275 -26.92 -14.13 -4.56
N TRP E 276 -26.08 -13.13 -4.85
CA TRP E 276 -25.07 -13.21 -5.89
C TRP E 276 -23.73 -12.74 -5.34
N PRO E 277 -23.03 -13.58 -4.56
CA PRO E 277 -21.86 -13.09 -3.82
C PRO E 277 -20.66 -12.78 -4.70
N ILE E 278 -20.37 -13.64 -5.67
CA ILE E 278 -19.23 -13.42 -6.53
C ILE E 278 -19.37 -12.12 -7.30
N TRP E 279 -20.58 -11.84 -7.78
CA TRP E 279 -20.85 -10.54 -8.38
C TRP E 279 -20.55 -9.42 -7.40
N TYR E 280 -21.11 -9.51 -6.20
CA TYR E 280 -21.00 -8.39 -5.27
C TYR E 280 -19.58 -8.13 -4.83
N ARG E 281 -18.69 -9.12 -4.90
CA ARG E 281 -17.31 -8.92 -4.49
C ARG E 281 -16.33 -8.87 -5.65
N CYS E 282 -16.77 -9.05 -6.87
CA CYS E 282 -15.75 -9.06 -7.91
C CYS E 282 -16.05 -8.15 -9.10
N ARG E 283 -17.31 -8.05 -9.51
CA ARG E 283 -17.67 -7.44 -10.79
C ARG E 283 -18.69 -6.34 -10.59
N ARG E 284 -18.40 -5.44 -9.66
CA ARG E 284 -19.32 -4.37 -9.33
C ARG E 284 -18.65 -3.03 -9.56
N PRO E 285 -19.31 -2.08 -10.23
CA PRO E 285 -18.73 -0.75 -10.37
C PRO E 285 -18.53 -0.10 -9.01
N THR E 286 -17.40 0.59 -8.87
CA THR E 286 -17.05 1.16 -7.56
C THR E 286 -17.93 2.34 -7.21
N HIS E 287 -18.26 3.19 -8.19
CA HIS E 287 -19.04 4.38 -7.95
C HIS E 287 -20.54 4.13 -8.03
N LEU E 288 -20.97 2.87 -8.07
CA LEU E 288 -22.38 2.57 -8.16
C LEU E 288 -23.10 3.02 -6.89
N SER E 289 -22.45 2.90 -5.73
CA SER E 289 -23.04 3.37 -4.49
C SER E 289 -23.29 4.88 -4.56
N ALA E 290 -22.30 5.63 -5.04
CA ALA E 290 -22.46 7.07 -5.17
C ALA E 290 -23.58 7.41 -6.16
N VAL E 291 -23.63 6.71 -7.29
CA VAL E 291 -24.65 6.99 -8.29
C VAL E 291 -26.04 6.77 -7.70
N VAL E 292 -26.25 5.61 -7.09
CA VAL E 292 -27.57 5.30 -6.54
C VAL E 292 -27.93 6.27 -5.42
N CYS E 293 -26.96 6.62 -4.56
CA CYS E 293 -27.30 7.47 -3.42
C CYS E 293 -27.61 8.88 -3.87
N VAL E 294 -26.84 9.44 -4.80
CA VAL E 294 -27.14 10.79 -5.26
C VAL E 294 -28.43 10.81 -6.06
N LEU E 295 -28.71 9.76 -6.83
CA LEU E 295 -29.97 9.69 -7.55
C LEU E 295 -31.14 9.64 -6.58
N LEU E 296 -31.00 8.89 -5.48
CA LEU E 296 -32.06 8.87 -4.47
C LEU E 296 -32.20 10.23 -3.80
N TRP E 297 -31.09 10.89 -3.48
CA TRP E 297 -31.15 12.21 -2.89
C TRP E 297 -31.90 13.18 -3.80
N GLY E 298 -31.59 13.13 -5.10
CA GLY E 298 -32.28 14.00 -6.04
C GLY E 298 -33.76 13.67 -6.19
N LEU E 299 -34.08 12.39 -6.32
CA LEU E 299 -35.47 11.99 -6.47
C LEU E 299 -36.29 12.34 -5.24
N SER E 300 -35.63 12.42 -4.08
CA SER E 300 -36.31 12.78 -2.85
C SER E 300 -37.14 14.06 -3.01
N LEU E 301 -36.48 15.19 -3.31
CA LEU E 301 -37.24 16.44 -3.33
C LEU E 301 -38.18 16.51 -4.52
N LEU E 302 -37.80 15.90 -5.65
CA LEU E 302 -38.66 15.93 -6.82
C LEU E 302 -40.02 15.29 -6.54
N PHE E 303 -40.02 14.14 -5.88
CA PHE E 303 -41.29 13.57 -5.46
C PHE E 303 -41.68 13.94 -4.03
N SER E 304 -40.96 14.86 -3.41
CA SER E 304 -41.27 15.29 -2.06
C SER E 304 -42.02 16.61 -2.01
N MET E 305 -41.77 17.51 -2.96
CA MET E 305 -42.45 18.80 -2.94
C MET E 305 -43.95 18.63 -2.84
N LEU E 306 -44.49 17.60 -3.49
CA LEU E 306 -45.86 17.19 -3.20
C LEU E 306 -45.92 16.76 -1.74
N GLU E 307 -46.59 17.56 -0.92
CA GLU E 307 -46.40 17.51 0.52
C GLU E 307 -47.72 17.87 1.18
N TRP E 308 -47.64 18.35 2.43
CA TRP E 308 -48.84 18.66 3.20
C TRP E 308 -49.52 19.85 2.56
N ARG E 309 -50.04 19.66 1.36
CA ARG E 309 -50.63 20.73 0.56
C ARG E 309 -49.64 21.88 0.37
N PHE E 310 -48.39 21.52 0.11
CA PHE E 310 -47.36 22.51 -0.17
C PHE E 310 -46.80 22.33 -1.57
N THR E 325 -54.91 18.14 -7.02
CA THR E 325 -55.25 17.06 -6.11
C THR E 325 -54.45 15.81 -6.45
N SER E 326 -53.17 16.00 -6.73
CA SER E 326 -52.27 14.92 -7.12
C SER E 326 -51.60 14.27 -5.92
N ASP E 327 -52.21 14.32 -4.75
CA ASP E 327 -51.59 13.75 -3.57
C ASP E 327 -51.57 12.25 -3.56
N PHE E 328 -51.94 11.58 -4.65
CA PHE E 328 -51.97 10.12 -4.67
C PHE E 328 -50.64 9.50 -5.10
N ILE E 329 -49.73 10.28 -5.68
CA ILE E 329 -48.46 9.72 -6.14
C ILE E 329 -47.48 9.48 -5.00
N PRO E 330 -47.40 10.33 -3.95
CA PRO E 330 -46.51 9.96 -2.83
C PRO E 330 -46.92 8.67 -2.17
N VAL E 331 -48.22 8.38 -2.13
CA VAL E 331 -48.68 7.11 -1.55
C VAL E 331 -48.13 5.95 -2.35
N ALA E 332 -48.19 6.04 -3.67
CA ALA E 332 -47.66 4.98 -4.51
C ALA E 332 -46.16 4.82 -4.29
N TRP E 333 -45.44 5.94 -4.23
CA TRP E 333 -43.99 5.85 -4.04
C TRP E 333 -43.64 5.16 -2.73
N LEU E 334 -44.24 5.60 -1.63
CA LEU E 334 -43.91 5.04 -0.34
C LEU E 334 -44.34 3.58 -0.21
N ILE E 335 -45.52 3.23 -0.74
CA ILE E 335 -45.95 1.84 -0.64
C ILE E 335 -45.06 0.95 -1.49
N PHE E 336 -44.60 1.46 -2.63
CA PHE E 336 -43.65 0.71 -3.45
C PHE E 336 -42.37 0.47 -2.66
N LEU E 337 -41.90 1.48 -1.93
CA LEU E 337 -40.67 1.30 -1.15
C LEU E 337 -40.88 0.30 -0.02
N CYS E 338 -42.07 0.31 0.59
CA CYS E 338 -42.39 -0.69 1.61
C CYS E 338 -42.37 -2.10 1.03
N VAL E 339 -42.95 -2.27 -0.15
CA VAL E 339 -42.92 -3.57 -0.81
C VAL E 339 -41.50 -3.96 -1.16
N VAL E 340 -40.68 -2.97 -1.53
CA VAL E 340 -39.28 -3.25 -1.85
C VAL E 340 -38.58 -3.83 -0.63
N LEU E 341 -38.77 -3.20 0.52
CA LEU E 341 -38.13 -3.70 1.71
C LEU E 341 -38.68 -5.07 2.09
N CYS E 342 -39.98 -5.26 1.91
CA CYS E 342 -40.59 -6.56 2.23
C CYS E 342 -40.00 -7.68 1.37
N VAL E 343 -39.90 -7.46 0.06
CA VAL E 343 -39.41 -8.51 -0.82
C VAL E 343 -37.91 -8.73 -0.61
N SER E 344 -37.14 -7.67 -0.38
CA SER E 344 -35.72 -7.84 -0.11
C SER E 344 -35.51 -8.66 1.15
N SER E 345 -36.25 -8.33 2.22
CA SER E 345 -36.19 -9.11 3.45
C SER E 345 -36.55 -10.57 3.19
N LEU E 346 -37.68 -10.80 2.51
CA LEU E 346 -38.15 -12.16 2.32
C LEU E 346 -37.17 -12.98 1.51
N VAL E 347 -36.58 -12.41 0.46
CA VAL E 347 -35.66 -13.16 -0.38
C VAL E 347 -34.39 -13.49 0.40
N LEU E 348 -33.86 -12.52 1.15
CA LEU E 348 -32.68 -12.81 1.93
C LEU E 348 -32.97 -13.85 3.01
N LEU E 349 -34.21 -13.92 3.48
CA LEU E 349 -34.55 -14.95 4.45
C LEU E 349 -34.65 -16.32 3.79
N VAL E 350 -35.30 -16.38 2.63
CA VAL E 350 -35.51 -17.64 1.94
C VAL E 350 -34.17 -18.27 1.55
N ARG E 351 -33.24 -17.47 1.03
CA ARG E 351 -32.01 -18.06 0.51
C ARG E 351 -31.21 -18.76 1.60
N ILE E 352 -31.13 -18.17 2.79
CA ILE E 352 -30.42 -18.83 3.89
C ILE E 352 -31.29 -19.85 4.61
N LEU E 353 -32.61 -19.81 4.44
CA LEU E 353 -33.44 -20.90 4.94
C LEU E 353 -33.02 -22.23 4.32
N CYS E 354 -32.95 -22.27 3.00
CA CYS E 354 -32.58 -23.50 2.29
C CYS E 354 -31.07 -23.59 2.08
N GLY E 355 -30.33 -23.43 3.16
CA GLY E 355 -28.89 -23.55 3.12
C GLY E 355 -28.39 -24.83 3.78
N SER E 356 -27.38 -24.70 4.62
CA SER E 356 -26.83 -25.86 5.33
C SER E 356 -26.01 -25.38 6.51
N ARG E 357 -26.30 -25.91 7.70
CA ARG E 357 -25.52 -25.66 8.91
C ARG E 357 -25.37 -24.16 9.18
N LYS E 358 -26.46 -23.42 9.02
CA LYS E 358 -26.43 -21.99 9.24
C LYS E 358 -26.31 -21.69 10.74
N MET E 359 -25.08 -21.49 11.20
CA MET E 359 -24.87 -21.19 12.62
C MET E 359 -25.56 -19.90 13.05
N PRO E 360 -25.53 -18.82 12.27
CA PRO E 360 -26.12 -17.56 12.72
C PRO E 360 -27.63 -17.49 12.50
N LEU E 361 -28.27 -18.65 12.30
CA LEU E 361 -29.71 -18.67 12.05
C LEU E 361 -30.50 -18.05 13.20
N THR E 362 -29.92 -18.03 14.40
CA THR E 362 -30.57 -17.33 15.50
C THR E 362 -30.59 -15.82 15.27
N ARG E 363 -29.49 -15.28 14.74
CA ARG E 363 -29.33 -13.84 14.62
C ARG E 363 -29.86 -13.28 13.31
N LEU E 364 -29.96 -14.11 12.27
CA LEU E 364 -30.46 -13.62 10.99
C LEU E 364 -31.92 -13.20 11.10
N TYR E 365 -32.74 -14.06 11.69
CA TYR E 365 -34.13 -13.70 11.94
C TYR E 365 -34.21 -12.42 12.76
N VAL E 366 -33.40 -12.34 13.82
CA VAL E 366 -33.40 -11.15 14.67
C VAL E 366 -33.19 -9.90 13.83
N THR E 367 -32.07 -9.86 13.10
CA THR E 367 -31.70 -8.64 12.39
C THR E 367 -32.73 -8.26 11.34
N ILE E 368 -33.12 -9.23 10.51
CA ILE E 368 -34.00 -8.88 9.40
C ILE E 368 -35.40 -8.54 9.90
N LEU E 369 -35.94 -9.32 10.83
CA LEU E 369 -37.26 -9.05 11.36
C LEU E 369 -37.31 -7.72 12.09
N LEU E 370 -36.26 -7.41 12.88
CA LEU E 370 -36.21 -6.12 13.54
C LEU E 370 -36.24 -5.00 12.52
N THR E 371 -35.40 -5.09 11.48
CA THR E 371 -35.37 -4.05 10.46
C THR E 371 -36.74 -3.83 9.85
N VAL E 372 -37.37 -4.91 9.37
CA VAL E 372 -38.62 -4.73 8.64
C VAL E 372 -39.72 -4.23 9.57
N LEU E 373 -39.83 -4.79 10.77
CA LEU E 373 -40.88 -4.37 11.69
C LEU E 373 -40.72 -2.92 12.09
N VAL E 374 -39.50 -2.47 12.36
CA VAL E 374 -39.32 -1.07 12.72
C VAL E 374 -39.65 -0.16 11.55
N PHE E 375 -39.11 -0.45 10.37
CA PHE E 375 -39.40 0.42 9.23
C PHE E 375 -40.88 0.43 8.89
N LEU E 376 -41.62 -0.60 9.26
CA LEU E 376 -43.03 -0.65 8.91
C LEU E 376 -43.92 0.02 9.96
N LEU E 377 -43.67 -0.24 11.24
CA LEU E 377 -44.53 0.25 12.30
C LEU E 377 -43.96 1.46 13.04
N CYS E 378 -42.88 2.06 12.55
CA CYS E 378 -42.38 3.28 13.15
C CYS E 378 -41.92 4.31 12.13
N GLY E 379 -41.98 4.02 10.83
CA GLY E 379 -41.46 4.95 9.85
C GLY E 379 -42.42 5.27 8.73
N LEU E 380 -43.47 4.50 8.62
CA LEU E 380 -44.51 4.82 7.67
C LEU E 380 -45.53 5.85 8.18
N PRO E 381 -45.93 5.84 9.47
CA PRO E 381 -47.03 6.71 9.89
C PRO E 381 -46.84 8.17 9.53
N PHE E 382 -45.62 8.68 9.57
CA PHE E 382 -45.39 10.08 9.25
C PHE E 382 -45.75 10.38 7.81
N GLY E 383 -45.19 9.61 6.88
CA GLY E 383 -45.48 9.80 5.47
C GLY E 383 -46.90 9.47 5.11
N ILE E 384 -47.55 8.61 5.89
CA ILE E 384 -48.95 8.26 5.65
C ILE E 384 -49.88 9.39 6.08
N LEU E 385 -49.62 9.98 7.25
CA LEU E 385 -50.38 11.14 7.66
C LEU E 385 -50.18 12.28 6.67
N GLY E 386 -48.96 12.45 6.19
CA GLY E 386 -48.69 13.55 5.26
C GLY E 386 -49.62 13.56 4.06
N ALA E 387 -50.03 12.38 3.61
CA ALA E 387 -50.91 12.32 2.46
C ALA E 387 -52.37 12.34 2.88
N LEU E 388 -52.67 11.69 3.99
CA LEU E 388 -54.04 11.69 4.50
C LEU E 388 -54.37 12.95 5.27
N ILE E 389 -53.42 13.87 5.44
CA ILE E 389 -53.65 15.06 6.25
C ILE E 389 -54.82 15.86 5.71
N TYR E 390 -54.94 15.97 4.39
CA TYR E 390 -56.00 16.74 3.79
C TYR E 390 -56.88 15.94 2.84
N ARG E 391 -56.47 14.74 2.46
CA ARG E 391 -57.39 13.84 1.77
C ARG E 391 -58.55 13.45 2.68
N MET E 392 -58.25 13.14 3.95
CA MET E 392 -59.27 12.77 4.92
C MET E 392 -59.57 13.98 5.78
N HIS E 393 -60.79 14.48 5.69
CA HIS E 393 -61.24 15.64 6.45
C HIS E 393 -62.14 15.21 7.60
N LEU E 394 -61.79 14.11 8.27
CA LEU E 394 -62.67 13.53 9.29
C LEU E 394 -62.96 14.50 10.42
N ASN E 395 -61.94 14.87 11.21
CA ASN E 395 -62.12 15.83 12.30
C ASN E 395 -60.77 16.51 12.54
N LEU E 396 -60.59 17.68 11.92
CA LEU E 396 -59.30 18.35 11.98
C LEU E 396 -58.93 18.72 13.42
N GLU E 397 -59.91 18.85 14.30
CA GLU E 397 -59.62 19.25 15.67
C GLU E 397 -58.82 18.17 16.40
N VAL E 398 -59.29 16.93 16.36
CA VAL E 398 -58.62 15.88 17.11
C VAL E 398 -57.52 15.24 16.27
N LEU E 399 -57.68 15.26 14.95
CA LEU E 399 -56.67 14.76 14.04
C LEU E 399 -55.31 15.31 14.44
N TYR E 400 -55.17 16.64 14.40
CA TYR E 400 -53.91 17.29 14.72
C TYR E 400 -53.30 16.67 15.97
N CYS E 401 -53.96 16.83 17.11
CA CYS E 401 -53.37 16.44 18.38
C CYS E 401 -52.99 14.96 18.33
N HIS E 402 -53.98 14.08 18.24
CA HIS E 402 -53.68 12.67 18.33
C HIS E 402 -52.70 12.20 17.27
N VAL E 403 -53.11 12.26 16.00
CA VAL E 403 -52.33 11.56 15.00
C VAL E 403 -51.00 12.26 14.77
N TYR E 404 -50.97 13.60 14.73
CA TYR E 404 -49.69 14.23 14.46
C TYR E 404 -48.74 14.05 15.64
N LEU E 405 -49.23 14.13 16.88
CA LEU E 405 -48.32 13.90 17.99
C LEU E 405 -47.74 12.49 17.92
N VAL E 406 -48.59 11.49 17.70
CA VAL E 406 -48.09 10.12 17.68
C VAL E 406 -47.10 9.93 16.55
N CYS E 407 -47.44 10.42 15.36
CA CYS E 407 -46.60 10.20 14.21
C CYS E 407 -45.25 10.90 14.34
N MET E 408 -45.25 12.11 14.90
CA MET E 408 -43.99 12.81 15.09
C MET E 408 -43.11 12.07 16.08
N SER E 409 -43.69 11.60 17.19
CA SER E 409 -42.89 10.87 18.16
C SER E 409 -42.31 9.61 17.53
N LEU E 410 -43.11 8.88 16.76
CA LEU E 410 -42.64 7.62 16.19
C LEU E 410 -41.56 7.87 15.14
N SER E 411 -41.71 8.90 14.32
CA SER E 411 -40.67 9.23 13.36
C SER E 411 -39.37 9.61 14.07
N SER E 412 -39.49 10.36 15.16
CA SER E 412 -38.30 10.68 15.95
C SER E 412 -37.63 9.43 16.48
N LEU E 413 -38.41 8.47 16.98
CA LEU E 413 -37.84 7.24 17.50
C LEU E 413 -37.15 6.45 16.40
N ASN E 414 -37.80 6.33 15.25
CA ASN E 414 -37.19 5.73 14.06
C ASN E 414 -35.80 6.32 13.82
N SER E 415 -35.76 7.64 13.63
CA SER E 415 -34.52 8.30 13.30
C SER E 415 -33.49 8.16 14.41
N SER E 416 -33.92 8.05 15.65
CA SER E 416 -32.99 7.91 16.75
C SER E 416 -32.39 6.52 16.82
N ALA E 417 -33.14 5.50 16.39
CA ALA E 417 -32.71 4.12 16.53
C ALA E 417 -32.00 3.58 15.30
N ASN E 418 -32.17 4.22 14.14
CA ASN E 418 -31.61 3.63 12.91
C ASN E 418 -30.11 3.39 12.98
N PRO E 419 -29.26 4.39 13.24
CA PRO E 419 -27.82 4.12 13.29
C PRO E 419 -27.45 3.10 14.33
N ILE E 420 -28.18 3.03 15.45
CA ILE E 420 -27.83 2.09 16.50
C ILE E 420 -27.89 0.66 15.98
N ILE E 421 -29.03 0.28 15.41
CA ILE E 421 -29.19 -1.09 14.93
C ILE E 421 -28.37 -1.37 13.67
N TYR E 422 -28.09 -0.37 12.84
CA TYR E 422 -27.31 -0.67 11.65
C TYR E 422 -25.80 -0.61 11.87
N PHE E 423 -25.32 0.02 12.91
CA PHE E 423 -23.88 0.14 13.01
C PHE E 423 -23.32 -0.31 14.36
N PHE E 424 -24.04 -0.07 15.45
CA PHE E 424 -23.49 -0.35 16.78
C PHE E 424 -23.36 -1.84 17.07
N VAL E 425 -23.89 -2.69 16.21
CA VAL E 425 -23.89 -4.13 16.45
C VAL E 425 -22.62 -4.75 15.86
N GLY E 426 -21.65 -3.91 15.53
CA GLY E 426 -20.40 -4.38 14.96
C GLY E 426 -19.48 -3.25 14.54
#